data_5T2U
#
_entry.id   5T2U
#
_cell.length_a   65.010
_cell.length_b   116.110
_cell.length_c   132.870
_cell.angle_alpha   90.00
_cell.angle_beta   90.00
_cell.angle_gamma   90.00
#
_symmetry.space_group_name_H-M   'P 21 21 21'
#
loop_
_entity.id
_entity.type
_entity.pdbx_description
1 polymer 'Oxidoreductase, short chain dehydrogenase/reductase family protein'
2 non-polymer 'NADP NICOTINAMIDE-ADENINE-DINUCLEOTIDE PHOSPHATE'
3 water water
#
_entity_poly.entity_id   1
_entity_poly.type   'polypeptide(L)'
_entity_poly.pdbx_seq_one_letter_code
;MGHHHHHHMELEGLTALVTGGTSGIGLESARLMAAEGADVVITGRDAQRGEQAAADIGHGARFVQADLGDLDSVADLAAQ
APDVDILVNNAGIYPQASTFDQDVAGFQQLFDTNVRGTYFLVAAAAKGMVARGHGSIVNITTLAAHKGFPGTSVYGATKA
ALESLTRTWAAEFGANGVRVNSVSPGPTRTPTTLEQLGDFIDDVAAGLPLRRTAAPEEIAQAVLFLASPRASFVTGSTLY
VDGGGYAV
;
_entity_poly.pdbx_strand_id   A,B,C,D
#
# COMPACT_ATOMS: atom_id res chain seq x y z
N HIS A 8 -28.37 -22.37 4.85
CA HIS A 8 -28.75 -21.07 4.32
C HIS A 8 -29.37 -20.19 5.40
N MET A 9 -28.73 -20.14 6.57
CA MET A 9 -29.26 -19.38 7.69
C MET A 9 -28.14 -18.68 8.48
N GLU A 10 -27.03 -18.34 7.82
CA GLU A 10 -25.91 -17.79 8.56
C GLU A 10 -26.18 -16.37 9.08
N LEU A 11 -27.14 -15.66 8.50
CA LEU A 11 -27.49 -14.31 8.93
C LEU A 11 -28.84 -14.23 9.63
N GLU A 12 -29.32 -15.34 10.20
CA GLU A 12 -30.62 -15.36 10.85
C GLU A 12 -30.63 -14.46 12.08
N GLY A 13 -31.62 -13.58 12.15
CA GLY A 13 -31.77 -12.66 13.27
C GLY A 13 -31.09 -11.32 13.10
N LEU A 14 -30.36 -11.11 12.00
CA LEU A 14 -29.66 -9.85 11.77
C LEU A 14 -30.45 -8.98 10.80
N THR A 15 -30.47 -7.68 11.07
CA THR A 15 -31.05 -6.69 10.17
C THR A 15 -29.94 -6.04 9.35
N ALA A 16 -30.12 -6.00 8.03
CA ALA A 16 -29.10 -5.52 7.09
C ALA A 16 -29.66 -4.37 6.26
N LEU A 17 -29.02 -3.21 6.34
CA LEU A 17 -29.39 -2.03 5.55
C LEU A 17 -28.40 -1.84 4.42
N VAL A 18 -28.90 -1.75 3.20
CA VAL A 18 -28.07 -1.60 1.99
C VAL A 18 -28.48 -0.33 1.28
N THR A 19 -27.65 0.71 1.38
CA THR A 19 -27.92 1.93 0.62
C THR A 19 -27.64 1.70 -0.86
N GLY A 20 -28.46 2.33 -1.70
CA GLY A 20 -28.37 2.07 -3.12
C GLY A 20 -28.58 0.62 -3.48
N GLY A 21 -29.47 -0.06 -2.75
CA GLY A 21 -29.66 -1.49 -2.95
C GLY A 21 -30.82 -1.84 -3.84
N THR A 22 -31.16 -0.97 -4.79
CA THR A 22 -32.22 -1.22 -5.75
C THR A 22 -31.69 -1.47 -7.16
N SER A 23 -30.39 -1.60 -7.33
CA SER A 23 -29.81 -1.79 -8.65
C SER A 23 -28.37 -2.27 -8.50
N GLY A 24 -27.90 -3.00 -9.49
CA GLY A 24 -26.48 -3.31 -9.61
C GLY A 24 -25.91 -4.04 -8.41
N ILE A 25 -24.77 -3.54 -7.91
CA ILE A 25 -24.03 -4.21 -6.86
C ILE A 25 -24.83 -4.22 -5.55
N GLY A 26 -25.57 -3.14 -5.27
CA GLY A 26 -26.39 -3.12 -4.07
C GLY A 26 -27.53 -4.12 -4.12
N LEU A 27 -28.17 -4.25 -5.29
CA LEU A 27 -29.26 -5.21 -5.45
C LEU A 27 -28.77 -6.64 -5.21
N GLU A 28 -27.62 -6.98 -5.79
CA GLU A 28 -27.12 -8.34 -5.64
C GLU A 28 -26.63 -8.63 -4.23
N SER A 29 -26.08 -7.62 -3.54
CA SER A 29 -25.68 -7.81 -2.15
C SER A 29 -26.88 -8.01 -1.24
N ALA A 30 -27.94 -7.24 -1.45
CA ALA A 30 -29.15 -7.41 -0.66
C ALA A 30 -29.80 -8.77 -0.94
N ARG A 31 -29.73 -9.23 -2.19
CA ARG A 31 -30.29 -10.54 -2.54
C ARG A 31 -29.58 -11.66 -1.78
N LEU A 32 -28.23 -11.63 -1.77
CA LEU A 32 -27.47 -12.69 -1.13
C LEU A 32 -27.74 -12.75 0.37
N MET A 33 -27.88 -11.58 1.02
CA MET A 33 -28.04 -11.57 2.47
C MET A 33 -29.45 -11.96 2.88
N ALA A 34 -30.46 -11.58 2.09
CA ALA A 34 -31.82 -12.05 2.35
C ALA A 34 -31.91 -13.56 2.23
N ALA A 35 -31.24 -14.14 1.23
CA ALA A 35 -31.26 -15.58 1.05
C ALA A 35 -30.57 -16.32 2.18
N GLU A 36 -29.73 -15.65 2.95
CA GLU A 36 -29.06 -16.24 4.10
C GLU A 36 -29.79 -16.00 5.41
N GLY A 37 -31.02 -15.48 5.35
CA GLY A 37 -31.86 -15.35 6.53
C GLY A 37 -31.87 -14.00 7.19
N ALA A 38 -31.21 -12.99 6.61
CA ALA A 38 -31.24 -11.65 7.19
C ALA A 38 -32.54 -10.94 6.80
N ASP A 39 -32.97 -10.02 7.66
CA ASP A 39 -34.08 -9.11 7.35
C ASP A 39 -33.47 -7.86 6.71
N VAL A 40 -33.67 -7.70 5.41
CA VAL A 40 -32.97 -6.70 4.61
C VAL A 40 -33.85 -5.48 4.42
N VAL A 41 -33.26 -4.30 4.62
CA VAL A 41 -33.85 -3.03 4.21
C VAL A 41 -32.95 -2.44 3.12
N ILE A 42 -33.56 -2.05 2.00
CA ILE A 42 -32.83 -1.42 0.89
C ILE A 42 -33.33 0.01 0.75
N THR A 43 -32.46 0.89 0.26
CA THR A 43 -32.82 2.29 0.03
C THR A 43 -32.48 2.71 -1.39
N GLY A 44 -33.18 3.73 -1.85
CA GLY A 44 -32.94 4.33 -3.15
C GLY A 44 -33.80 5.55 -3.32
N ARG A 45 -33.59 6.25 -4.43
CA ARG A 45 -34.35 7.47 -4.71
C ARG A 45 -35.65 7.19 -5.45
N ASP A 46 -35.59 6.40 -6.52
CA ASP A 46 -36.78 6.08 -7.30
C ASP A 46 -37.65 5.11 -6.52
N ALA A 47 -38.85 5.56 -6.13
CA ALA A 47 -39.72 4.72 -5.31
C ALA A 47 -40.27 3.54 -6.10
N GLN A 48 -40.62 3.78 -7.37
CA GLN A 48 -41.18 2.70 -8.20
C GLN A 48 -40.17 1.58 -8.38
N ARG A 49 -38.90 1.92 -8.62
CA ARG A 49 -37.88 0.90 -8.80
C ARG A 49 -37.47 0.27 -7.48
N GLY A 50 -37.56 1.03 -6.38
CA GLY A 50 -37.22 0.45 -5.08
C GLY A 50 -38.20 -0.61 -4.64
N GLU A 51 -39.51 -0.35 -4.82
CA GLU A 51 -40.51 -1.35 -4.47
C GLU A 51 -40.38 -2.59 -5.36
N GLN A 52 -40.06 -2.40 -6.64
CA GLN A 52 -39.83 -3.54 -7.51
C GLN A 52 -38.62 -4.36 -7.05
N ALA A 53 -37.56 -3.68 -6.62
CA ALA A 53 -36.36 -4.40 -6.19
C ALA A 53 -36.63 -5.23 -4.93
N ALA A 54 -37.45 -4.71 -4.01
CA ALA A 54 -37.76 -5.45 -2.79
C ALA A 54 -38.59 -6.69 -3.07
N ALA A 55 -39.32 -6.73 -4.18
CA ALA A 55 -40.08 -7.93 -4.52
C ALA A 55 -39.21 -8.98 -5.21
N ASP A 56 -38.34 -8.56 -6.12
CA ASP A 56 -37.36 -9.47 -6.70
C ASP A 56 -36.52 -10.15 -5.63
N ILE A 57 -36.17 -9.41 -4.57
CA ILE A 57 -35.35 -9.96 -3.50
C ILE A 57 -36.15 -10.95 -2.65
N GLY A 58 -37.40 -10.61 -2.36
CA GLY A 58 -38.24 -11.46 -1.53
C GLY A 58 -37.71 -11.57 -0.10
N HIS A 59 -38.13 -12.66 0.56
CA HIS A 59 -37.71 -12.99 1.92
C HIS A 59 -38.04 -11.87 2.91
N GLY A 60 -39.11 -11.13 2.64
CA GLY A 60 -39.52 -10.04 3.51
C GLY A 60 -38.68 -8.79 3.43
N ALA A 61 -37.83 -8.66 2.41
CA ALA A 61 -37.08 -7.42 2.23
C ALA A 61 -38.03 -6.26 2.02
N ARG A 62 -37.66 -5.09 2.52
CA ARG A 62 -38.49 -3.90 2.42
C ARG A 62 -37.66 -2.73 1.95
N PHE A 63 -38.34 -1.75 1.36
CA PHE A 63 -37.69 -0.59 0.76
C PHE A 63 -38.03 0.67 1.56
N VAL A 64 -37.04 1.55 1.71
CA VAL A 64 -37.22 2.87 2.31
C VAL A 64 -36.59 3.89 1.38
N GLN A 65 -37.36 4.90 1.00
CA GLN A 65 -36.87 5.94 0.10
C GLN A 65 -35.96 6.90 0.88
N ALA A 66 -34.80 7.21 0.29
CA ALA A 66 -33.85 8.10 0.95
C ALA A 66 -32.89 8.67 -0.09
N ASP A 67 -32.51 9.92 0.09
CA ASP A 67 -31.53 10.59 -0.77
C ASP A 67 -30.31 10.87 0.10
N LEU A 68 -29.22 10.14 -0.17
CA LEU A 68 -28.01 10.28 0.64
C LEU A 68 -27.41 11.68 0.58
N GLY A 69 -27.77 12.47 -0.43
CA GLY A 69 -27.26 13.82 -0.57
C GLY A 69 -27.97 14.86 0.28
N ASP A 70 -29.06 14.49 0.93
CA ASP A 70 -29.82 15.38 1.82
C ASP A 70 -29.74 14.82 3.23
N LEU A 71 -29.26 15.66 4.17
CA LEU A 71 -28.97 15.17 5.51
C LEU A 71 -30.23 14.91 6.32
N ASP A 72 -31.32 15.63 6.05
CA ASP A 72 -32.58 15.34 6.72
C ASP A 72 -33.14 13.99 6.29
N SER A 73 -33.02 13.66 5.01
CA SER A 73 -33.43 12.34 4.53
C SER A 73 -32.59 11.24 5.18
N VAL A 74 -31.28 11.47 5.31
CA VAL A 74 -30.40 10.50 5.96
C VAL A 74 -30.84 10.28 7.41
N ALA A 75 -31.16 11.35 8.13
CA ALA A 75 -31.59 11.20 9.51
C ALA A 75 -32.91 10.46 9.62
N ASP A 76 -33.82 10.66 8.65
CA ASP A 76 -35.06 9.89 8.64
C ASP A 76 -34.80 8.40 8.40
N LEU A 77 -33.90 8.09 7.46
CA LEU A 77 -33.53 6.70 7.22
C LEU A 77 -33.02 6.05 8.49
N ALA A 78 -32.12 6.72 9.21
CA ALA A 78 -31.60 6.18 10.46
C ALA A 78 -32.70 6.02 11.51
N ALA A 79 -33.69 6.92 11.51
CA ALA A 79 -34.81 6.78 12.43
C ALA A 79 -35.70 5.61 12.06
N GLN A 80 -35.83 5.30 10.77
CA GLN A 80 -36.68 4.20 10.33
C GLN A 80 -36.02 2.82 10.47
N ALA A 81 -34.74 2.77 10.85
CA ALA A 81 -34.05 1.50 11.06
C ALA A 81 -33.04 1.66 12.20
N PRO A 82 -33.54 1.78 13.44
CA PRO A 82 -32.64 2.02 14.57
C PRO A 82 -31.96 0.77 15.11
N ASP A 83 -32.14 -0.38 14.47
CA ASP A 83 -31.57 -1.64 14.95
C ASP A 83 -31.00 -2.38 13.74
N VAL A 84 -29.81 -1.96 13.30
CA VAL A 84 -29.13 -2.59 12.18
C VAL A 84 -27.86 -3.28 12.68
N ASP A 85 -27.64 -4.50 12.20
CA ASP A 85 -26.43 -5.24 12.51
C ASP A 85 -25.41 -5.22 11.38
N ILE A 86 -25.86 -5.01 10.14
CA ILE A 86 -25.02 -5.02 8.96
C ILE A 86 -25.36 -3.78 8.16
N LEU A 87 -24.36 -2.92 7.94
CA LEU A 87 -24.53 -1.72 7.13
C LEU A 87 -23.62 -1.81 5.92
N VAL A 88 -24.21 -1.80 4.74
CA VAL A 88 -23.46 -1.81 3.48
C VAL A 88 -23.64 -0.43 2.84
N ASN A 89 -22.60 0.39 2.92
CA ASN A 89 -22.62 1.73 2.32
C ASN A 89 -22.26 1.58 0.85
N ASN A 90 -23.27 1.49 0.00
CA ASN A 90 -23.09 1.21 -1.42
C ASN A 90 -23.57 2.32 -2.34
N ALA A 91 -24.52 3.15 -1.90
CA ALA A 91 -25.04 4.21 -2.75
C ALA A 91 -23.92 5.16 -3.17
N GLY A 92 -23.90 5.50 -4.45
CA GLY A 92 -22.85 6.35 -4.98
C GLY A 92 -22.98 6.64 -6.46
N ILE A 93 -22.43 7.78 -6.88
CA ILE A 93 -22.41 8.18 -8.28
C ILE A 93 -20.95 8.24 -8.73
N TYR A 94 -20.75 8.16 -10.05
CA TYR A 94 -19.40 8.24 -10.56
C TYR A 94 -19.30 8.89 -11.94
N PRO A 95 -19.77 10.13 -12.11
CA PRO A 95 -19.59 10.80 -13.41
C PRO A 95 -18.13 11.17 -13.61
N GLN A 96 -17.70 11.19 -14.87
CA GLN A 96 -16.31 11.42 -15.22
C GLN A 96 -16.13 12.78 -15.86
N ALA A 97 -14.93 13.35 -15.67
CA ALA A 97 -14.50 14.59 -16.29
C ALA A 97 -13.04 14.81 -15.95
N SER A 98 -12.27 15.31 -16.92
CA SER A 98 -10.90 15.71 -16.63
C SER A 98 -10.90 16.84 -15.61
N THR A 99 -9.78 16.97 -14.90
CA THR A 99 -9.63 18.05 -13.92
C THR A 99 -9.93 19.41 -14.53
N PHE A 100 -9.44 19.66 -15.75
CA PHE A 100 -9.70 20.94 -16.42
C PHE A 100 -11.16 21.11 -16.81
N ASP A 101 -11.91 20.01 -16.98
CA ASP A 101 -13.32 20.08 -17.37
C ASP A 101 -14.28 19.98 -16.19
N GLN A 102 -13.78 19.73 -14.99
CA GLN A 102 -14.65 19.43 -13.86
C GLN A 102 -15.27 20.72 -13.33
N ASP A 103 -16.59 20.69 -13.10
CA ASP A 103 -17.32 21.84 -12.59
C ASP A 103 -17.48 21.76 -11.08
N VAL A 104 -17.75 22.91 -10.46
CA VAL A 104 -17.85 22.99 -9.01
C VAL A 104 -19.06 22.23 -8.49
N ALA A 105 -20.23 22.46 -9.10
CA ALA A 105 -21.45 21.82 -8.61
C ALA A 105 -21.36 20.30 -8.69
N GLY A 106 -20.77 19.78 -9.78
CA GLY A 106 -20.54 18.35 -9.85
C GLY A 106 -19.58 17.86 -8.78
N PHE A 107 -18.55 18.65 -8.49
CA PHE A 107 -17.62 18.32 -7.40
C PHE A 107 -18.37 18.19 -6.08
N GLN A 108 -19.25 19.14 -5.78
CA GLN A 108 -19.89 19.16 -4.47
C GLN A 108 -20.91 18.02 -4.33
N GLN A 109 -21.62 17.70 -5.40
CA GLN A 109 -22.60 16.62 -5.34
C GLN A 109 -21.92 15.27 -5.15
N LEU A 110 -20.76 15.09 -5.79
CA LEU A 110 -20.02 13.84 -5.61
C LEU A 110 -19.60 13.64 -4.17
N PHE A 111 -19.09 14.69 -3.53
CA PHE A 111 -18.69 14.57 -2.13
C PHE A 111 -19.91 14.48 -1.20
N ASP A 112 -20.96 15.26 -1.47
CA ASP A 112 -22.17 15.19 -0.65
C ASP A 112 -22.78 13.79 -0.68
N THR A 113 -22.87 13.20 -1.87
CA THR A 113 -23.48 11.87 -2.02
C THR A 113 -22.56 10.76 -1.52
N ASN A 114 -21.32 10.71 -2.02
CA ASN A 114 -20.47 9.55 -1.78
C ASN A 114 -19.83 9.55 -0.39
N VAL A 115 -19.61 10.72 0.20
CA VAL A 115 -18.88 10.84 1.46
C VAL A 115 -19.78 11.29 2.60
N ARG A 116 -20.40 12.47 2.46
CA ARG A 116 -21.12 13.08 3.58
C ARG A 116 -22.30 12.22 4.03
N GLY A 117 -23.11 11.76 3.08
CA GLY A 117 -24.26 10.96 3.43
C GLY A 117 -23.88 9.67 4.15
N THR A 118 -22.84 9.00 3.65
CA THR A 118 -22.38 7.77 4.31
C THR A 118 -21.80 8.06 5.68
N TYR A 119 -21.08 9.18 5.82
CA TYR A 119 -20.46 9.52 7.10
C TYR A 119 -21.50 9.65 8.20
N PHE A 120 -22.54 10.44 7.95
CA PHE A 120 -23.52 10.70 9.01
C PHE A 120 -24.54 9.59 9.18
N LEU A 121 -24.71 8.73 8.17
CA LEU A 121 -25.47 7.50 8.39
C LEU A 121 -24.71 6.55 9.31
N VAL A 122 -23.39 6.44 9.10
CA VAL A 122 -22.56 5.61 9.97
C VAL A 122 -22.55 6.16 11.39
N ALA A 123 -22.44 7.49 11.53
CA ALA A 123 -22.46 8.10 12.86
C ALA A 123 -23.70 7.70 13.66
N ALA A 124 -24.83 7.51 12.98
CA ALA A 124 -26.07 7.17 13.66
C ALA A 124 -26.19 5.65 13.88
N ALA A 125 -25.90 4.86 12.84
CA ALA A 125 -26.10 3.41 12.95
C ALA A 125 -25.05 2.75 13.82
N ALA A 126 -23.80 3.20 13.74
CA ALA A 126 -22.73 2.57 14.51
C ALA A 126 -22.88 2.80 15.99
N LYS A 127 -23.52 3.90 16.39
CA LYS A 127 -23.78 4.14 17.81
C LYS A 127 -24.60 3.01 18.41
N GLY A 128 -25.59 2.51 17.66
CA GLY A 128 -26.37 1.38 18.15
C GLY A 128 -25.58 0.09 18.15
N MET A 129 -24.76 -0.12 17.12
CA MET A 129 -23.91 -1.32 17.07
C MET A 129 -22.94 -1.34 18.24
N VAL A 130 -22.36 -0.19 18.57
CA VAL A 130 -21.41 -0.11 19.68
C VAL A 130 -22.11 -0.39 21.00
N ALA A 131 -23.34 0.09 21.16
CA ALA A 131 -24.10 -0.15 22.38
C ALA A 131 -24.38 -1.64 22.57
N ARG A 132 -24.74 -2.35 21.48
CA ARG A 132 -25.10 -3.75 21.58
C ARG A 132 -23.89 -4.67 21.55
N GLY A 133 -22.73 -4.18 21.15
CA GLY A 133 -21.51 -4.97 21.16
C GLY A 133 -21.26 -5.82 19.94
N HIS A 134 -21.99 -5.61 18.85
CA HIS A 134 -21.77 -6.37 17.63
C HIS A 134 -22.29 -5.60 16.44
N GLY A 135 -21.64 -5.81 15.29
CA GLY A 135 -22.01 -5.15 14.05
C GLY A 135 -20.95 -5.27 12.98
N SER A 136 -21.34 -5.13 11.71
CA SER A 136 -20.40 -5.19 10.60
C SER A 136 -20.76 -4.13 9.57
N ILE A 137 -19.79 -3.28 9.23
CA ILE A 137 -19.98 -2.18 8.28
C ILE A 137 -19.07 -2.43 7.08
N VAL A 138 -19.66 -2.39 5.89
CA VAL A 138 -18.93 -2.62 4.64
C VAL A 138 -19.10 -1.40 3.75
N ASN A 139 -17.98 -0.75 3.43
CA ASN A 139 -17.97 0.41 2.54
C ASN A 139 -17.53 -0.02 1.15
N ILE A 140 -18.31 0.36 0.13
CA ILE A 140 -17.96 0.06 -1.25
C ILE A 140 -17.10 1.22 -1.77
N THR A 141 -15.88 0.91 -2.21
CA THR A 141 -15.00 1.94 -2.74
C THR A 141 -14.79 1.77 -4.24
N THR A 142 -13.54 1.86 -4.71
CA THR A 142 -13.31 1.79 -6.15
C THR A 142 -11.81 1.64 -6.44
N LEU A 143 -11.52 0.96 -7.55
CA LEU A 143 -10.12 0.79 -7.95
C LEU A 143 -9.45 2.13 -8.27
N ALA A 144 -10.21 3.08 -8.84
CA ALA A 144 -9.68 4.40 -9.15
C ALA A 144 -9.23 5.18 -7.92
N ALA A 145 -9.61 4.74 -6.72
CA ALA A 145 -9.09 5.34 -5.49
C ALA A 145 -7.70 4.84 -5.14
N HIS A 146 -7.17 3.85 -5.88
CA HIS A 146 -5.86 3.29 -5.62
C HIS A 146 -4.91 3.43 -6.79
N LYS A 147 -5.40 3.77 -7.98
CA LYS A 147 -4.58 4.00 -9.15
C LYS A 147 -5.10 5.23 -9.87
N GLY A 148 -4.23 5.87 -10.65
CA GLY A 148 -4.60 7.08 -11.35
C GLY A 148 -5.18 6.84 -12.73
N PHE A 149 -6.51 6.93 -12.86
CA PHE A 149 -7.18 6.82 -14.16
C PHE A 149 -7.68 8.19 -14.57
N PRO A 150 -7.21 8.74 -15.70
CA PRO A 150 -7.69 10.07 -16.12
C PRO A 150 -9.20 10.12 -16.25
N GLY A 151 -9.77 11.25 -15.83
CA GLY A 151 -11.21 11.45 -15.84
C GLY A 151 -11.92 11.09 -14.55
N THR A 152 -11.23 10.52 -13.56
CA THR A 152 -11.86 10.07 -12.33
C THR A 152 -11.31 10.75 -11.09
N SER A 153 -10.74 11.95 -11.22
CA SER A 153 -10.10 12.59 -10.07
C SER A 153 -11.06 12.75 -8.90
N VAL A 154 -12.23 13.33 -9.15
CA VAL A 154 -13.17 13.57 -8.05
C VAL A 154 -13.74 12.25 -7.54
N TYR A 155 -14.19 11.38 -8.45
CA TYR A 155 -14.76 10.11 -8.03
C TYR A 155 -13.78 9.30 -7.20
N GLY A 156 -12.54 9.18 -7.68
CA GLY A 156 -11.54 8.45 -6.92
C GLY A 156 -11.22 9.11 -5.59
N ALA A 157 -11.29 10.44 -5.53
CA ALA A 157 -11.02 11.13 -4.28
C ALA A 157 -12.12 10.87 -3.24
N THR A 158 -13.37 10.72 -3.67
CA THR A 158 -14.44 10.44 -2.71
C THR A 158 -14.26 9.05 -2.10
N LYS A 159 -13.95 8.05 -2.93
CA LYS A 159 -13.80 6.68 -2.44
C LYS A 159 -12.53 6.51 -1.63
N ALA A 160 -11.49 7.30 -1.93
CA ALA A 160 -10.26 7.27 -1.14
C ALA A 160 -10.52 7.75 0.28
N ALA A 161 -11.35 8.80 0.43
CA ALA A 161 -11.76 9.23 1.76
C ALA A 161 -12.51 8.11 2.48
N LEU A 162 -13.35 7.36 1.75
CA LEU A 162 -14.03 6.22 2.36
C LEU A 162 -13.05 5.16 2.81
N GLU A 163 -11.96 4.97 2.06
CA GLU A 163 -10.94 4.00 2.47
C GLU A 163 -10.31 4.40 3.80
N SER A 164 -10.03 5.70 3.98
CA SER A 164 -9.47 6.16 5.25
C SER A 164 -10.48 6.05 6.38
N LEU A 165 -11.75 6.37 6.10
CA LEU A 165 -12.80 6.22 7.11
C LEU A 165 -12.92 4.77 7.59
N THR A 166 -12.81 3.81 6.68
CA THR A 166 -12.79 2.40 7.07
C THR A 166 -11.74 2.14 8.15
N ARG A 167 -10.56 2.77 8.03
CA ARG A 167 -9.49 2.55 9.00
C ARG A 167 -9.74 3.24 10.32
N THR A 168 -10.15 4.52 10.28
CA THR A 168 -10.44 5.23 11.53
C THR A 168 -11.60 4.58 12.26
N TRP A 169 -12.67 4.25 11.54
CA TRP A 169 -13.85 3.66 12.17
C TRP A 169 -13.52 2.31 12.79
N ALA A 170 -12.70 1.50 12.12
CA ALA A 170 -12.35 0.19 12.66
C ALA A 170 -11.60 0.33 13.97
N ALA A 171 -10.78 1.38 14.11
CA ALA A 171 -10.06 1.62 15.35
C ALA A 171 -10.96 2.24 16.42
N GLU A 172 -11.97 3.01 16.02
CA GLU A 172 -12.85 3.63 17.01
C GLU A 172 -13.89 2.66 17.56
N PHE A 173 -14.38 1.71 16.74
CA PHE A 173 -15.47 0.84 17.13
C PHE A 173 -15.02 -0.57 17.49
N GLY A 174 -13.77 -0.94 17.20
CA GLY A 174 -13.35 -2.33 17.36
C GLY A 174 -13.41 -2.83 18.78
N ALA A 175 -13.16 -1.95 19.76
CA ALA A 175 -13.19 -2.39 21.15
C ALA A 175 -14.57 -2.89 21.55
N ASN A 176 -15.64 -2.39 20.90
CA ASN A 176 -16.99 -2.84 21.16
C ASN A 176 -17.49 -3.86 20.15
N GLY A 177 -16.58 -4.58 19.49
CA GLY A 177 -16.96 -5.70 18.65
C GLY A 177 -17.50 -5.36 17.28
N VAL A 178 -17.32 -4.13 16.81
CA VAL A 178 -17.86 -3.70 15.52
C VAL A 178 -16.74 -3.70 14.49
N ARG A 179 -16.94 -4.41 13.39
CA ARG A 179 -15.97 -4.51 12.31
C ARG A 179 -16.32 -3.54 11.18
N VAL A 180 -15.28 -3.00 10.55
CA VAL A 180 -15.43 -2.05 9.43
C VAL A 180 -14.42 -2.41 8.35
N ASN A 181 -14.90 -2.60 7.11
CA ASN A 181 -14.03 -2.97 6.00
C ASN A 181 -14.49 -2.29 4.73
N SER A 182 -13.65 -2.37 3.69
CA SER A 182 -13.95 -1.87 2.36
C SER A 182 -13.94 -3.02 1.34
N VAL A 183 -14.80 -2.90 0.34
CA VAL A 183 -14.77 -3.72 -0.86
C VAL A 183 -14.42 -2.79 -2.02
N SER A 184 -13.29 -3.04 -2.68
CA SER A 184 -12.85 -2.19 -3.77
C SER A 184 -13.03 -2.91 -5.09
N PRO A 185 -14.11 -2.64 -5.83
CA PRO A 185 -14.38 -3.39 -7.06
C PRO A 185 -13.72 -2.78 -8.29
N GLY A 186 -13.54 -3.63 -9.30
CA GLY A 186 -13.13 -3.20 -10.60
C GLY A 186 -14.33 -2.98 -11.51
N PRO A 187 -14.10 -2.90 -12.82
CA PRO A 187 -15.21 -2.63 -13.76
C PRO A 187 -16.25 -3.73 -13.72
N THR A 188 -17.50 -3.34 -13.46
CA THR A 188 -18.59 -4.27 -13.23
C THR A 188 -19.77 -3.88 -14.09
N ARG A 189 -20.41 -4.89 -14.71
CA ARG A 189 -21.56 -4.68 -15.59
C ARG A 189 -22.79 -4.40 -14.75
N THR A 190 -23.18 -3.13 -14.68
CA THR A 190 -24.41 -2.68 -14.06
C THR A 190 -25.12 -1.77 -15.05
N PRO A 191 -26.40 -1.50 -14.85
CA PRO A 191 -27.11 -0.64 -15.82
C PRO A 191 -26.46 0.73 -16.03
N THR A 192 -25.96 1.35 -14.96
CA THR A 192 -25.29 2.64 -15.10
C THR A 192 -24.04 2.54 -15.96
N THR A 193 -23.15 1.59 -15.64
CA THR A 193 -21.92 1.47 -16.42
C THR A 193 -22.20 1.10 -17.87
N LEU A 194 -23.26 0.32 -18.13
CA LEU A 194 -23.59 -0.04 -19.50
C LEU A 194 -24.10 1.17 -20.28
N GLU A 195 -24.91 2.01 -19.64
CA GLU A 195 -25.49 3.17 -20.33
C GLU A 195 -24.43 4.24 -20.56
N GLN A 196 -23.69 4.58 -19.50
CA GLN A 196 -22.80 5.75 -19.51
C GLN A 196 -21.39 5.41 -19.96
N LEU A 197 -20.78 4.42 -19.33
CA LEU A 197 -19.36 4.12 -19.55
C LEU A 197 -19.18 2.77 -20.23
N GLY A 198 -19.86 2.57 -21.36
CA GLY A 198 -19.86 1.27 -22.00
C GLY A 198 -18.48 0.83 -22.47
N ASP A 199 -17.76 1.73 -23.14
CA ASP A 199 -16.42 1.41 -23.61
C ASP A 199 -15.37 1.55 -22.52
N PHE A 200 -15.60 2.42 -21.53
CA PHE A 200 -14.62 2.63 -20.47
C PHE A 200 -14.36 1.34 -19.69
N ILE A 201 -15.41 0.66 -19.26
CA ILE A 201 -15.23 -0.58 -18.50
C ILE A 201 -14.50 -1.62 -19.33
N ASP A 202 -14.79 -1.66 -20.64
CA ASP A 202 -14.10 -2.61 -21.52
C ASP A 202 -12.63 -2.24 -21.68
N ASP A 203 -12.33 -0.94 -21.72
CA ASP A 203 -10.93 -0.51 -21.81
C ASP A 203 -10.18 -0.80 -20.51
N VAL A 204 -10.82 -0.59 -19.37
CA VAL A 204 -10.21 -0.95 -18.09
C VAL A 204 -9.98 -2.46 -18.03
N ALA A 205 -10.91 -3.24 -18.60
CA ALA A 205 -10.82 -4.69 -18.52
C ALA A 205 -9.67 -5.24 -19.35
N ALA A 206 -9.32 -4.57 -20.44
CA ALA A 206 -8.21 -5.04 -21.27
C ALA A 206 -6.89 -5.05 -20.52
N GLY A 207 -6.74 -4.21 -19.50
CA GLY A 207 -5.57 -4.15 -18.67
C GLY A 207 -5.60 -4.99 -17.41
N LEU A 208 -6.75 -5.72 -17.15
CA LEU A 208 -6.80 -6.58 -15.97
C LEU A 208 -6.22 -7.96 -16.31
N PRO A 209 -5.60 -8.62 -15.33
CA PRO A 209 -5.13 -9.99 -15.55
C PRO A 209 -6.23 -10.95 -16.03
N LEU A 210 -7.43 -10.88 -15.44
CA LEU A 210 -8.52 -11.75 -15.87
C LEU A 210 -9.13 -11.32 -17.21
N ARG A 211 -8.85 -10.09 -17.67
CA ARG A 211 -9.21 -9.63 -19.01
C ARG A 211 -10.71 -9.65 -19.27
N ARG A 212 -11.50 -9.24 -18.28
CA ARG A 212 -12.94 -9.23 -18.41
C ARG A 212 -13.51 -8.33 -17.32
N THR A 213 -14.78 -7.96 -17.50
CA THR A 213 -15.54 -7.25 -16.48
C THR A 213 -16.25 -8.25 -15.59
N ALA A 214 -16.83 -7.74 -14.50
CA ALA A 214 -17.47 -8.59 -13.50
C ALA A 214 -18.97 -8.49 -13.57
N ALA A 215 -19.64 -9.61 -13.30
CA ALA A 215 -21.06 -9.56 -12.99
C ALA A 215 -21.25 -9.00 -11.59
N PRO A 216 -22.31 -8.23 -11.34
CA PRO A 216 -22.51 -7.67 -10.00
C PRO A 216 -22.55 -8.73 -8.90
N GLU A 217 -23.02 -9.94 -9.21
CA GLU A 217 -23.03 -11.00 -8.22
C GLU A 217 -21.64 -11.29 -7.70
N GLU A 218 -20.62 -11.22 -8.57
CA GLU A 218 -19.26 -11.48 -8.14
C GLU A 218 -18.77 -10.46 -7.13
N ILE A 219 -19.23 -9.21 -7.25
CA ILE A 219 -18.89 -8.19 -6.26
C ILE A 219 -19.66 -8.41 -4.98
N ALA A 220 -20.93 -8.80 -5.09
CA ALA A 220 -21.75 -9.03 -3.91
C ALA A 220 -21.21 -10.16 -3.06
N GLN A 221 -20.55 -11.15 -3.67
CA GLN A 221 -20.02 -12.27 -2.90
C GLN A 221 -18.97 -11.81 -1.90
N ALA A 222 -18.19 -10.79 -2.25
CA ALA A 222 -17.21 -10.25 -1.31
C ALA A 222 -17.90 -9.45 -0.21
N VAL A 223 -18.96 -8.72 -0.56
CA VAL A 223 -19.76 -8.01 0.44
C VAL A 223 -20.37 -8.98 1.44
N LEU A 224 -20.90 -10.11 0.94
CA LEU A 224 -21.51 -11.09 1.83
C LEU A 224 -20.50 -11.65 2.83
N PHE A 225 -19.31 -11.98 2.35
CA PHE A 225 -18.29 -12.55 3.23
C PHE A 225 -17.94 -11.59 4.36
N LEU A 226 -17.67 -10.33 4.03
CA LEU A 226 -17.26 -9.37 5.05
C LEU A 226 -18.41 -9.02 5.99
N ALA A 227 -19.66 -9.10 5.52
CA ALA A 227 -20.80 -8.81 6.38
C ALA A 227 -21.07 -9.96 7.35
N SER A 228 -20.78 -11.18 6.95
CA SER A 228 -21.18 -12.37 7.71
C SER A 228 -20.20 -12.65 8.84
N PRO A 229 -20.59 -13.52 9.78
CA PRO A 229 -19.65 -13.93 10.85
C PRO A 229 -18.48 -14.77 10.38
N ARG A 230 -18.42 -15.16 9.10
CA ARG A 230 -17.23 -15.83 8.57
C ARG A 230 -16.02 -14.91 8.62
N ALA A 231 -16.21 -13.60 8.49
CA ALA A 231 -15.12 -12.64 8.58
C ALA A 231 -14.99 -12.06 9.99
N SER A 232 -15.22 -12.87 11.03
CA SER A 232 -15.26 -12.38 12.40
C SER A 232 -13.94 -11.76 12.85
N PHE A 233 -12.81 -12.14 12.25
CA PHE A 233 -11.52 -11.56 12.61
C PHE A 233 -11.02 -10.56 11.57
N VAL A 234 -11.87 -10.15 10.62
CA VAL A 234 -11.48 -9.27 9.52
C VAL A 234 -11.99 -7.87 9.83
N THR A 235 -11.09 -6.92 10.06
CA THR A 235 -11.49 -5.54 10.23
C THR A 235 -10.37 -4.59 9.83
N GLY A 236 -10.78 -3.39 9.41
CA GLY A 236 -9.85 -2.34 9.02
C GLY A 236 -9.20 -2.51 7.67
N SER A 237 -9.68 -3.43 6.85
CA SER A 237 -8.95 -3.86 5.65
C SER A 237 -9.72 -3.47 4.39
N THR A 238 -9.05 -3.68 3.26
CA THR A 238 -9.64 -3.51 1.95
C THR A 238 -9.61 -4.85 1.24
N LEU A 239 -10.76 -5.28 0.73
CA LEU A 239 -10.85 -6.49 -0.06
C LEU A 239 -11.02 -6.08 -1.52
N TYR A 240 -9.97 -6.27 -2.30
CA TYR A 240 -9.99 -5.93 -3.72
C TYR A 240 -10.69 -7.03 -4.51
N VAL A 241 -11.71 -6.65 -5.28
CA VAL A 241 -12.43 -7.56 -6.16
C VAL A 241 -12.39 -6.96 -7.55
N ASP A 242 -11.24 -7.04 -8.22
CA ASP A 242 -11.01 -6.24 -9.43
C ASP A 242 -10.34 -7.04 -10.56
N GLY A 243 -10.38 -8.36 -10.50
CA GLY A 243 -9.75 -9.14 -11.55
C GLY A 243 -8.27 -8.89 -11.74
N GLY A 244 -7.59 -8.39 -10.71
CA GLY A 244 -6.16 -8.17 -10.74
C GLY A 244 -5.72 -6.73 -10.93
N GLY A 245 -6.67 -5.79 -11.02
CA GLY A 245 -6.32 -4.42 -11.41
C GLY A 245 -5.32 -3.76 -10.47
N TYR A 246 -5.54 -3.89 -9.16
CA TYR A 246 -4.61 -3.28 -8.21
C TYR A 246 -3.25 -3.93 -8.25
N ALA A 247 -3.19 -5.22 -8.60
CA ALA A 247 -1.93 -5.96 -8.64
C ALA A 247 -1.02 -5.51 -9.77
N VAL A 248 -1.57 -4.94 -10.84
CA VAL A 248 -0.76 -4.58 -12.00
C VAL A 248 -0.74 -3.08 -12.26
N MET B 9 -21.60 -28.61 -0.79
CA MET B 9 -21.67 -28.92 -2.22
C MET B 9 -20.79 -28.01 -3.08
N GLU B 10 -20.40 -26.85 -2.54
CA GLU B 10 -19.86 -25.78 -3.37
C GLU B 10 -18.54 -26.15 -4.05
N LEU B 11 -17.73 -27.03 -3.45
CA LEU B 11 -16.46 -27.42 -4.01
C LEU B 11 -16.48 -28.84 -4.60
N GLU B 12 -17.66 -29.37 -4.90
CA GLU B 12 -17.77 -30.75 -5.34
C GLU B 12 -17.06 -30.95 -6.67
N GLY B 13 -16.32 -32.05 -6.76
CA GLY B 13 -15.55 -32.35 -7.96
C GLY B 13 -14.18 -31.71 -8.04
N LEU B 14 -13.79 -30.91 -7.05
CA LEU B 14 -12.50 -30.23 -7.06
C LEU B 14 -11.52 -30.93 -6.13
N THR B 15 -10.25 -30.89 -6.50
CA THR B 15 -9.16 -31.43 -5.70
C THR B 15 -8.35 -30.28 -5.11
N ALA B 16 -8.15 -30.31 -3.79
CA ALA B 16 -7.44 -29.26 -3.08
C ALA B 16 -6.24 -29.85 -2.35
N LEU B 17 -5.09 -29.21 -2.52
CA LEU B 17 -3.86 -29.60 -1.84
C LEU B 17 -3.50 -28.53 -0.82
N VAL B 18 -3.36 -28.93 0.44
CA VAL B 18 -3.04 -28.02 1.54
C VAL B 18 -1.70 -28.45 2.13
N THR B 19 -0.67 -27.63 1.91
CA THR B 19 0.60 -27.89 2.58
C THR B 19 0.51 -27.46 4.05
N GLY B 20 1.20 -28.20 4.90
CA GLY B 20 1.04 -28.02 6.33
C GLY B 20 -0.39 -28.19 6.80
N GLY B 21 -1.10 -29.17 6.24
CA GLY B 21 -2.49 -29.42 6.56
C GLY B 21 -2.72 -30.36 7.72
N THR B 22 -1.68 -30.70 8.48
CA THR B 22 -1.82 -31.63 9.60
C THR B 22 -1.89 -30.93 10.94
N SER B 23 -1.98 -29.60 10.96
CA SER B 23 -1.99 -28.87 12.22
C SER B 23 -2.42 -27.43 11.96
N GLY B 24 -2.97 -26.81 13.01
CA GLY B 24 -3.15 -25.37 13.03
C GLY B 24 -4.07 -24.84 11.95
N ILE B 25 -3.64 -23.75 11.32
CA ILE B 25 -4.45 -23.09 10.29
C ILE B 25 -4.66 -24.02 9.10
N GLY B 26 -3.63 -24.78 8.74
CA GLY B 26 -3.76 -25.67 7.59
C GLY B 26 -4.80 -26.75 7.80
N LEU B 27 -4.82 -27.33 9.00
CA LEU B 27 -5.80 -28.38 9.31
C LEU B 27 -7.23 -27.85 9.23
N GLU B 28 -7.47 -26.65 9.74
CA GLU B 28 -8.81 -26.09 9.69
C GLU B 28 -9.22 -25.71 8.27
N SER B 29 -8.27 -25.26 7.45
CA SER B 29 -8.56 -24.96 6.06
C SER B 29 -8.96 -26.23 5.30
N ALA B 30 -8.16 -27.29 5.44
CA ALA B 30 -8.50 -28.55 4.79
C ALA B 30 -9.82 -29.11 5.31
N ARG B 31 -10.16 -28.85 6.57
CA ARG B 31 -11.41 -29.36 7.11
C ARG B 31 -12.60 -28.68 6.44
N LEU B 32 -12.56 -27.35 6.34
CA LEU B 32 -13.67 -26.62 5.72
C LEU B 32 -13.88 -27.04 4.27
N MET B 33 -12.79 -27.29 3.54
CA MET B 33 -12.91 -27.64 2.13
C MET B 33 -13.44 -29.05 1.95
N ALA B 34 -13.00 -30.00 2.79
CA ALA B 34 -13.55 -31.35 2.73
C ALA B 34 -15.05 -31.34 3.02
N ALA B 35 -15.46 -30.57 4.03
CA ALA B 35 -16.87 -30.45 4.36
C ALA B 35 -17.68 -29.73 3.28
N GLU B 36 -17.01 -29.21 2.25
CA GLU B 36 -17.68 -28.59 1.12
C GLU B 36 -17.61 -29.44 -0.14
N GLY B 37 -17.22 -30.71 -0.03
CA GLY B 37 -17.23 -31.62 -1.15
C GLY B 37 -15.94 -31.76 -1.93
N ALA B 38 -14.86 -31.10 -1.49
CA ALA B 38 -13.59 -31.24 -2.18
C ALA B 38 -12.90 -32.54 -1.77
N ASP B 39 -12.17 -33.12 -2.73
CA ASP B 39 -11.24 -34.20 -2.44
C ASP B 39 -9.95 -33.56 -1.96
N VAL B 40 -9.66 -33.70 -0.67
CA VAL B 40 -8.60 -32.95 -0.02
C VAL B 40 -7.38 -33.83 0.18
N VAL B 41 -6.21 -33.30 -0.19
CA VAL B 41 -4.92 -33.94 0.09
C VAL B 41 -4.14 -33.00 0.99
N ILE B 42 -3.72 -33.50 2.15
CA ILE B 42 -2.92 -32.71 3.08
C ILE B 42 -1.50 -33.27 3.07
N THR B 43 -0.54 -32.41 3.41
CA THR B 43 0.86 -32.80 3.40
C THR B 43 1.56 -32.30 4.66
N GLY B 44 2.58 -33.04 5.07
CA GLY B 44 3.38 -32.70 6.24
C GLY B 44 4.53 -33.66 6.36
N ARG B 45 5.42 -33.37 7.31
CA ARG B 45 6.61 -34.21 7.50
C ARG B 45 6.33 -35.41 8.40
N ASP B 46 5.55 -35.21 9.46
CA ASP B 46 5.32 -36.26 10.45
C ASP B 46 4.22 -37.20 9.97
N ALA B 47 4.55 -38.48 9.83
CA ALA B 47 3.61 -39.45 9.27
C ALA B 47 2.52 -39.84 10.26
N GLN B 48 2.82 -39.88 11.56
CA GLN B 48 1.79 -40.27 12.52
C GLN B 48 0.75 -39.18 12.70
N ARG B 49 1.17 -37.92 12.83
CA ARG B 49 0.21 -36.83 12.87
C ARG B 49 -0.50 -36.68 11.54
N GLY B 50 0.18 -36.97 10.43
CA GLY B 50 -0.42 -36.82 9.13
C GLY B 50 -1.61 -37.74 8.91
N GLU B 51 -1.47 -39.01 9.32
CA GLU B 51 -2.58 -39.95 9.15
C GLU B 51 -3.73 -39.64 10.10
N GLN B 52 -3.41 -39.23 11.33
CA GLN B 52 -4.45 -38.80 12.26
C GLN B 52 -5.23 -37.62 11.70
N ALA B 53 -4.52 -36.62 11.17
CA ALA B 53 -5.18 -35.44 10.62
C ALA B 53 -6.07 -35.81 9.44
N ALA B 54 -5.64 -36.77 8.62
CA ALA B 54 -6.46 -37.22 7.50
C ALA B 54 -7.76 -37.86 8.00
N ALA B 55 -7.66 -38.70 9.03
CA ALA B 55 -8.87 -39.31 9.59
C ALA B 55 -9.72 -38.28 10.32
N ASP B 56 -9.07 -37.32 10.98
CA ASP B 56 -9.80 -36.23 11.64
C ASP B 56 -10.65 -35.47 10.63
N ILE B 57 -10.06 -35.14 9.48
CA ILE B 57 -10.78 -34.41 8.45
C ILE B 57 -11.91 -35.26 7.87
N GLY B 58 -11.61 -36.51 7.51
CA GLY B 58 -12.60 -37.38 6.93
C GLY B 58 -12.93 -37.00 5.49
N HIS B 59 -14.06 -37.53 5.02
CA HIS B 59 -14.54 -37.28 3.67
C HIS B 59 -13.54 -37.71 2.59
N GLY B 60 -12.88 -38.84 2.83
CA GLY B 60 -11.92 -39.37 1.88
C GLY B 60 -10.61 -38.60 1.78
N ALA B 61 -10.40 -37.60 2.64
CA ALA B 61 -9.13 -36.87 2.65
C ALA B 61 -7.96 -37.84 2.87
N ARG B 62 -6.84 -37.54 2.24
CA ARG B 62 -5.66 -38.39 2.32
C ARG B 62 -4.43 -37.56 2.64
N PHE B 63 -3.41 -38.23 3.16
CA PHE B 63 -2.16 -37.60 3.58
C PHE B 63 -1.02 -38.08 2.70
N VAL B 64 -0.18 -37.15 2.27
CA VAL B 64 1.02 -37.44 1.47
C VAL B 64 2.19 -36.78 2.16
N GLN B 65 3.17 -37.58 2.59
CA GLN B 65 4.31 -37.03 3.31
C GLN B 65 5.26 -36.31 2.38
N ALA B 66 5.73 -35.14 2.82
CA ALA B 66 6.69 -34.36 2.04
C ALA B 66 7.34 -33.33 2.94
N ASP B 67 8.59 -33.00 2.62
CA ASP B 67 9.34 -31.94 3.29
C ASP B 67 9.55 -30.82 2.28
N LEU B 68 9.02 -29.63 2.60
CA LEU B 68 9.12 -28.51 1.67
C LEU B 68 10.56 -28.02 1.50
N GLY B 69 11.46 -28.37 2.43
CA GLY B 69 12.85 -27.98 2.31
C GLY B 69 13.69 -28.85 1.39
N ASP B 70 13.11 -29.95 0.88
CA ASP B 70 13.80 -30.86 -0.03
C ASP B 70 13.08 -30.83 -1.37
N LEU B 71 13.77 -30.35 -2.41
CA LEU B 71 13.14 -30.18 -3.71
C LEU B 71 12.81 -31.51 -4.38
N ASP B 72 13.56 -32.56 -4.06
CA ASP B 72 13.18 -33.89 -4.55
C ASP B 72 11.89 -34.37 -3.88
N SER B 73 11.73 -34.08 -2.60
CA SER B 73 10.48 -34.41 -1.93
C SER B 73 9.33 -33.57 -2.48
N VAL B 74 9.59 -32.31 -2.81
CA VAL B 74 8.55 -31.46 -3.40
C VAL B 74 8.15 -31.97 -4.77
N ALA B 75 9.12 -32.39 -5.59
CA ALA B 75 8.80 -32.96 -6.90
C ALA B 75 7.98 -34.23 -6.76
N ASP B 76 8.31 -35.08 -5.78
CA ASP B 76 7.52 -36.30 -5.57
C ASP B 76 6.10 -35.96 -5.14
N LEU B 77 5.94 -34.90 -4.35
CA LEU B 77 4.61 -34.48 -3.92
C LEU B 77 3.78 -34.04 -5.11
N ALA B 78 4.36 -33.19 -5.97
CA ALA B 78 3.62 -32.68 -7.12
C ALA B 78 3.17 -33.81 -8.04
N ALA B 79 4.03 -34.82 -8.24
CA ALA B 79 3.69 -35.94 -9.13
C ALA B 79 2.60 -36.83 -8.55
N GLN B 80 2.40 -36.82 -7.24
CA GLN B 80 1.34 -37.58 -6.61
C GLN B 80 0.00 -36.85 -6.62
N ALA B 81 -0.03 -35.59 -7.04
CA ALA B 81 -1.27 -34.82 -7.17
C ALA B 81 -1.13 -33.83 -8.30
N PRO B 82 -1.07 -34.33 -9.54
CA PRO B 82 -0.88 -33.43 -10.69
C PRO B 82 -2.15 -32.75 -11.18
N ASP B 83 -3.29 -33.04 -10.55
CA ASP B 83 -4.57 -32.54 -11.04
C ASP B 83 -5.26 -31.71 -9.96
N VAL B 84 -4.55 -30.77 -9.36
CA VAL B 84 -5.10 -29.97 -8.26
C VAL B 84 -5.79 -28.73 -8.80
N ASP B 85 -6.99 -28.45 -8.29
CA ASP B 85 -7.72 -27.25 -8.65
C ASP B 85 -7.54 -26.13 -7.64
N ILE B 86 -7.22 -26.47 -6.40
CA ILE B 86 -7.02 -25.50 -5.32
C ILE B 86 -5.71 -25.85 -4.65
N LEU B 87 -4.84 -24.84 -4.50
CA LEU B 87 -3.56 -25.03 -3.83
C LEU B 87 -3.44 -24.01 -2.72
N VAL B 88 -3.23 -24.49 -1.49
CA VAL B 88 -3.07 -23.64 -0.32
C VAL B 88 -1.63 -23.81 0.17
N ASN B 89 -0.82 -22.78 -0.02
CA ASN B 89 0.59 -22.80 0.40
C ASN B 89 0.63 -22.28 1.83
N ASN B 90 0.47 -23.19 2.77
CA ASN B 90 0.31 -22.85 4.19
C ASN B 90 1.49 -23.28 5.06
N ALA B 91 2.26 -24.28 4.63
CA ALA B 91 3.40 -24.74 5.41
C ALA B 91 4.40 -23.60 5.60
N GLY B 92 4.90 -23.46 6.82
CA GLY B 92 5.87 -22.43 7.11
C GLY B 92 6.32 -22.52 8.55
N ILE B 93 7.47 -21.88 8.81
CA ILE B 93 8.04 -21.78 10.14
C ILE B 93 8.28 -20.30 10.44
N TYR B 94 8.37 -19.98 11.73
CA TYR B 94 8.56 -18.59 12.12
C TYR B 94 9.40 -18.41 13.40
N PRO B 95 10.62 -18.93 13.47
CA PRO B 95 11.47 -18.62 14.63
C PRO B 95 11.88 -17.16 14.61
N GLN B 96 12.14 -16.63 15.80
CA GLN B 96 12.48 -15.21 15.96
C GLN B 96 13.90 -15.04 16.47
N ALA B 97 14.52 -13.95 16.05
CA ALA B 97 15.84 -13.52 16.49
C ALA B 97 16.08 -12.13 15.94
N SER B 98 16.74 -11.27 16.73
CA SER B 98 17.12 -9.98 16.22
C SER B 98 18.14 -10.15 15.09
N THR B 99 18.25 -9.12 14.25
CA THR B 99 19.21 -9.15 13.14
C THR B 99 20.61 -9.46 13.63
N PHE B 100 21.02 -8.86 14.75
CA PHE B 100 22.35 -9.09 15.28
C PHE B 100 22.53 -10.52 15.80
N ASP B 101 21.45 -11.20 16.16
CA ASP B 101 21.53 -12.57 16.68
C ASP B 101 21.24 -13.64 15.63
N GLN B 102 20.71 -13.27 14.47
CA GLN B 102 20.31 -14.27 13.47
C GLN B 102 21.51 -15.04 12.94
N ASP B 103 21.37 -16.36 12.88
CA ASP B 103 22.42 -17.27 12.42
C ASP B 103 22.21 -17.58 10.94
N VAL B 104 23.32 -17.93 10.27
CA VAL B 104 23.26 -18.22 8.83
C VAL B 104 22.35 -19.41 8.55
N ALA B 105 22.52 -20.50 9.31
CA ALA B 105 21.77 -21.73 9.05
C ALA B 105 20.27 -21.52 9.19
N GLY B 106 19.85 -20.79 10.23
CA GLY B 106 18.43 -20.50 10.39
C GLY B 106 17.88 -19.58 9.31
N PHE B 107 18.71 -18.65 8.82
CA PHE B 107 18.31 -17.82 7.69
C PHE B 107 17.98 -18.70 6.48
N GLN B 108 18.88 -19.63 6.15
CA GLN B 108 18.71 -20.42 4.94
C GLN B 108 17.53 -21.37 5.04
N GLN B 109 17.31 -21.95 6.22
CA GLN B 109 16.18 -22.84 6.40
C GLN B 109 14.85 -22.10 6.24
N LEU B 110 14.77 -20.87 6.76
CA LEU B 110 13.55 -20.09 6.62
C LEU B 110 13.22 -19.83 5.16
N PHE B 111 14.21 -19.46 4.36
CA PHE B 111 13.96 -19.25 2.93
C PHE B 111 13.74 -20.57 2.18
N ASP B 112 14.48 -21.62 2.55
CA ASP B 112 14.26 -22.92 1.92
C ASP B 112 12.84 -23.41 2.15
N THR B 113 12.32 -23.26 3.37
CA THR B 113 11.02 -23.82 3.71
C THR B 113 9.88 -22.90 3.26
N ASN B 114 9.99 -21.60 3.55
CA ASN B 114 8.86 -20.70 3.33
C ASN B 114 8.73 -20.24 1.88
N VAL B 115 9.84 -20.16 1.14
CA VAL B 115 9.85 -19.59 -0.20
C VAL B 115 10.16 -20.63 -1.28
N ARG B 116 11.32 -21.29 -1.18
CA ARG B 116 11.77 -22.16 -2.25
C ARG B 116 10.79 -23.31 -2.49
N GLY B 117 10.42 -24.02 -1.42
CA GLY B 117 9.51 -25.14 -1.59
C GLY B 117 8.17 -24.76 -2.18
N THR B 118 7.60 -23.65 -1.70
CA THR B 118 6.35 -23.15 -2.27
C THR B 118 6.53 -22.78 -3.74
N TYR B 119 7.65 -22.12 -4.08
CA TYR B 119 7.84 -21.63 -5.44
C TYR B 119 7.83 -22.78 -6.45
N PHE B 120 8.58 -23.85 -6.17
CA PHE B 120 8.68 -24.94 -7.14
C PHE B 120 7.51 -25.91 -7.07
N LEU B 121 6.79 -25.95 -5.94
CA LEU B 121 5.50 -26.63 -5.94
C LEU B 121 4.50 -25.90 -6.84
N VAL B 122 4.49 -24.57 -6.78
CA VAL B 122 3.61 -23.79 -7.64
C VAL B 122 3.99 -23.97 -9.10
N ALA B 123 5.29 -24.01 -9.40
CA ALA B 123 5.74 -24.15 -10.77
C ALA B 123 5.22 -25.44 -11.41
N ALA B 124 5.01 -26.49 -10.61
CA ALA B 124 4.47 -27.75 -11.10
C ALA B 124 2.95 -27.74 -11.12
N ALA B 125 2.31 -27.29 -10.03
CA ALA B 125 0.86 -27.39 -9.94
C ALA B 125 0.16 -26.39 -10.85
N ALA B 126 0.76 -25.23 -11.09
CA ALA B 126 0.11 -24.22 -11.92
C ALA B 126 0.06 -24.64 -13.39
N LYS B 127 0.92 -25.56 -13.82
CA LYS B 127 0.88 -26.03 -15.20
C LYS B 127 -0.46 -26.70 -15.51
N GLY B 128 -0.92 -27.58 -14.60
CA GLY B 128 -2.20 -28.24 -14.82
C GLY B 128 -3.37 -27.27 -14.75
N MET B 129 -3.31 -26.29 -13.83
CA MET B 129 -4.37 -25.30 -13.74
C MET B 129 -4.43 -24.44 -15.00
N VAL B 130 -3.28 -24.00 -15.50
CA VAL B 130 -3.25 -23.18 -16.71
C VAL B 130 -3.77 -23.97 -17.91
N ALA B 131 -3.39 -25.24 -18.02
CA ALA B 131 -3.88 -26.07 -19.12
C ALA B 131 -5.41 -26.19 -19.09
N ARG B 132 -5.98 -26.44 -17.90
CA ARG B 132 -7.43 -26.60 -17.81
C ARG B 132 -8.19 -25.28 -17.91
N GLY B 133 -7.54 -24.16 -17.60
CA GLY B 133 -8.18 -22.86 -17.71
C GLY B 133 -8.91 -22.39 -16.48
N HIS B 134 -8.63 -22.97 -15.32
CA HIS B 134 -9.26 -22.56 -14.06
C HIS B 134 -8.44 -23.12 -12.91
N GLY B 135 -8.54 -22.46 -11.76
CA GLY B 135 -7.83 -22.85 -10.56
C GLY B 135 -7.62 -21.66 -9.64
N SER B 136 -7.32 -21.96 -8.37
CA SER B 136 -7.15 -20.93 -7.36
C SER B 136 -6.00 -21.28 -6.43
N ILE B 137 -5.06 -20.35 -6.27
CA ILE B 137 -3.89 -20.54 -5.42
C ILE B 137 -3.94 -19.52 -4.30
N VAL B 138 -3.74 -20.00 -3.06
CA VAL B 138 -3.82 -19.16 -1.87
C VAL B 138 -2.50 -19.30 -1.10
N ASN B 139 -1.77 -18.21 -0.96
CA ASN B 139 -0.52 -18.18 -0.22
C ASN B 139 -0.77 -17.56 1.16
N ILE B 140 -0.31 -18.23 2.20
CA ILE B 140 -0.47 -17.74 3.56
C ILE B 140 0.74 -16.89 3.92
N THR B 141 0.50 -15.61 4.24
CA THR B 141 1.60 -14.72 4.56
C THR B 141 1.60 -14.36 6.04
N THR B 142 1.79 -13.08 6.36
CA THR B 142 1.84 -12.67 7.75
C THR B 142 1.82 -11.15 7.84
N LEU B 143 1.32 -10.64 8.98
CA LEU B 143 1.33 -9.21 9.23
C LEU B 143 2.75 -8.66 9.27
N ALA B 144 3.71 -9.44 9.78
CA ALA B 144 5.09 -9.00 9.89
C ALA B 144 5.73 -8.71 8.53
N ALA B 145 5.08 -9.10 7.43
CA ALA B 145 5.59 -8.76 6.11
C ALA B 145 5.18 -7.37 5.67
N HIS B 146 4.33 -6.69 6.44
CA HIS B 146 3.83 -5.37 6.10
C HIS B 146 4.14 -4.33 7.16
N LYS B 147 4.52 -4.75 8.37
CA LYS B 147 4.93 -3.85 9.43
C LYS B 147 6.27 -4.32 9.98
N GLY B 148 7.00 -3.39 10.58
CA GLY B 148 8.28 -3.73 11.18
C GLY B 148 8.16 -4.14 12.64
N PHE B 149 8.31 -5.44 12.91
CA PHE B 149 8.27 -5.97 14.28
C PHE B 149 9.66 -6.48 14.64
N PRO B 150 10.30 -5.93 15.67
CA PRO B 150 11.65 -6.40 16.04
C PRO B 150 11.67 -7.90 16.33
N GLY B 151 12.61 -8.60 15.70
CA GLY B 151 12.80 -10.02 15.89
C GLY B 151 12.21 -10.89 14.79
N THR B 152 11.45 -10.31 13.86
CA THR B 152 10.82 -11.07 12.78
C THR B 152 11.41 -10.72 11.42
N SER B 153 12.69 -10.31 11.39
CA SER B 153 13.26 -9.80 10.15
C SER B 153 13.26 -10.85 9.05
N VAL B 154 13.81 -12.02 9.34
CA VAL B 154 13.88 -13.06 8.31
C VAL B 154 12.50 -13.61 8.00
N TYR B 155 11.73 -13.95 9.04
CA TYR B 155 10.38 -14.48 8.86
C TYR B 155 9.54 -13.57 7.99
N GLY B 156 9.54 -12.26 8.28
CA GLY B 156 8.73 -11.34 7.51
C GLY B 156 9.22 -11.18 6.08
N ALA B 157 10.54 -11.27 5.88
CA ALA B 157 11.09 -11.16 4.53
C ALA B 157 10.64 -12.32 3.66
N THR B 158 10.59 -13.53 4.23
CA THR B 158 10.15 -14.69 3.44
C THR B 158 8.69 -14.55 3.02
N LYS B 159 7.86 -13.99 3.89
CA LYS B 159 6.45 -13.82 3.55
C LYS B 159 6.23 -12.64 2.61
N ALA B 160 7.05 -11.59 2.72
CA ALA B 160 6.96 -10.49 1.75
C ALA B 160 7.30 -10.97 0.34
N ALA B 161 8.27 -11.87 0.22
CA ALA B 161 8.56 -12.50 -1.06
C ALA B 161 7.33 -13.24 -1.59
N LEU B 162 6.60 -13.95 -0.72
CA LEU B 162 5.36 -14.59 -1.15
C LEU B 162 4.33 -13.56 -1.61
N GLU B 163 4.24 -12.42 -0.92
CA GLU B 163 3.30 -11.38 -1.32
C GLU B 163 3.59 -10.90 -2.75
N SER B 164 4.86 -10.72 -3.09
CA SER B 164 5.20 -10.32 -4.45
C SER B 164 4.91 -11.44 -5.44
N LEU B 165 5.17 -12.69 -5.07
CA LEU B 165 4.88 -13.81 -5.96
C LEU B 165 3.40 -13.90 -6.28
N THR B 166 2.53 -13.62 -5.30
CA THR B 166 1.09 -13.59 -5.55
C THR B 166 0.76 -12.67 -6.72
N ARG B 167 1.38 -11.48 -6.75
CA ARG B 167 1.08 -10.53 -7.82
C ARG B 167 1.64 -11.00 -9.16
N THR B 168 2.91 -11.41 -9.19
CA THR B 168 3.49 -11.88 -10.45
C THR B 168 2.73 -13.09 -10.98
N TRP B 169 2.41 -14.05 -10.10
CA TRP B 169 1.68 -15.24 -10.52
C TRP B 169 0.27 -14.90 -10.98
N ALA B 170 -0.39 -13.93 -10.32
CA ALA B 170 -1.69 -13.47 -10.80
C ALA B 170 -1.59 -12.98 -12.24
N ALA B 171 -0.53 -12.24 -12.57
CA ALA B 171 -0.36 -11.74 -13.93
C ALA B 171 -0.01 -12.88 -14.89
N GLU B 172 0.88 -13.78 -14.49
CA GLU B 172 1.33 -14.82 -15.41
C GLU B 172 0.23 -15.85 -15.68
N PHE B 173 -0.51 -16.27 -14.66
CA PHE B 173 -1.51 -17.31 -14.81
C PHE B 173 -2.91 -16.78 -15.05
N GLY B 174 -3.19 -15.54 -14.67
CA GLY B 174 -4.51 -14.96 -14.86
C GLY B 174 -4.92 -14.86 -16.32
N ALA B 175 -3.95 -14.79 -17.23
CA ALA B 175 -4.25 -14.81 -18.65
C ALA B 175 -4.93 -16.10 -19.09
N ASN B 176 -5.05 -17.09 -18.20
CA ASN B 176 -5.76 -18.33 -18.49
C ASN B 176 -6.71 -18.72 -17.36
N GLY B 177 -7.23 -17.74 -16.64
CA GLY B 177 -8.31 -17.97 -15.70
C GLY B 177 -7.92 -18.46 -14.33
N VAL B 178 -6.64 -18.46 -13.98
CA VAL B 178 -6.18 -18.95 -12.68
C VAL B 178 -6.02 -17.77 -11.74
N ARG B 179 -6.61 -17.87 -10.56
CA ARG B 179 -6.55 -16.81 -9.55
C ARG B 179 -5.49 -17.13 -8.51
N VAL B 180 -4.82 -16.09 -8.02
CA VAL B 180 -3.78 -16.20 -7.00
C VAL B 180 -3.95 -15.08 -6.00
N ASN B 181 -4.00 -15.42 -4.71
CA ASN B 181 -4.21 -14.43 -3.66
C ASN B 181 -3.44 -14.83 -2.41
N SER B 182 -3.24 -13.85 -1.53
CA SER B 182 -2.60 -14.05 -0.24
C SER B 182 -3.61 -13.89 0.90
N VAL B 183 -3.40 -14.66 1.97
CA VAL B 183 -4.10 -14.48 3.24
C VAL B 183 -3.05 -14.11 4.29
N SER B 184 -3.25 -12.96 4.94
CA SER B 184 -2.27 -12.44 5.90
C SER B 184 -2.87 -12.44 7.31
N PRO B 185 -2.60 -13.45 8.13
CA PRO B 185 -3.24 -13.55 9.44
C PRO B 185 -2.52 -12.76 10.51
N GLY B 186 -3.27 -12.42 11.56
CA GLY B 186 -2.70 -11.91 12.77
C GLY B 186 -2.42 -13.03 13.74
N PRO B 187 -2.24 -12.71 15.02
CA PRO B 187 -1.90 -13.75 16.01
C PRO B 187 -3.05 -14.74 16.20
N THR B 188 -2.71 -16.03 16.16
CA THR B 188 -3.70 -17.10 16.07
C THR B 188 -3.33 -18.23 17.02
N ARG B 189 -4.33 -18.76 17.72
CA ARG B 189 -4.12 -19.76 18.77
C ARG B 189 -3.94 -21.16 18.16
N THR B 190 -2.79 -21.34 17.49
CA THR B 190 -2.36 -22.65 17.03
C THR B 190 -1.42 -23.26 18.05
N PRO B 191 -1.22 -24.59 18.02
CA PRO B 191 -0.35 -25.22 19.02
C PRO B 191 1.07 -24.66 19.02
N THR B 192 1.65 -24.41 17.85
CA THR B 192 3.00 -23.83 17.81
C THR B 192 3.03 -22.44 18.44
N THR B 193 2.00 -21.63 18.18
CA THR B 193 1.98 -20.27 18.71
C THR B 193 1.79 -20.26 20.22
N LEU B 194 0.92 -21.13 20.73
CA LEU B 194 0.68 -21.18 22.18
C LEU B 194 1.94 -21.56 22.94
N GLU B 195 2.71 -22.52 22.42
CA GLU B 195 3.96 -22.89 23.06
C GLU B 195 5.00 -21.77 22.95
N GLN B 196 5.06 -21.11 21.80
CA GLN B 196 6.08 -20.10 21.56
C GLN B 196 5.80 -18.80 22.31
N LEU B 197 4.52 -18.46 22.50
CA LEU B 197 4.16 -17.21 23.16
C LEU B 197 4.02 -17.33 24.67
N GLY B 198 3.58 -18.49 25.17
CA GLY B 198 3.38 -18.67 26.59
C GLY B 198 2.37 -17.70 27.17
N ASP B 199 2.84 -16.78 28.00
CA ASP B 199 1.99 -15.71 28.51
C ASP B 199 2.20 -14.44 27.70
N ALA B 205 -1.27 -8.34 20.58
CA ALA B 205 -2.69 -8.68 20.69
C ALA B 205 -3.49 -7.55 21.32
N ALA B 206 -2.93 -6.96 22.39
CA ALA B 206 -3.60 -5.86 23.09
C ALA B 206 -3.63 -4.58 22.27
N GLY B 207 -2.75 -4.45 21.27
CA GLY B 207 -2.74 -3.30 20.39
C GLY B 207 -3.66 -3.40 19.19
N LEU B 208 -4.30 -4.56 18.99
CA LEU B 208 -5.18 -4.75 17.84
C LEU B 208 -6.53 -4.11 18.11
N PRO B 209 -7.18 -3.54 17.09
CA PRO B 209 -8.52 -2.97 17.28
C PRO B 209 -9.52 -3.93 17.90
N LEU B 210 -9.50 -5.21 17.50
CA LEU B 210 -10.39 -6.20 18.09
C LEU B 210 -9.93 -6.68 19.46
N ARG B 211 -8.69 -6.39 19.85
CA ARG B 211 -8.21 -6.62 21.22
C ARG B 211 -8.24 -8.09 21.62
N ARG B 212 -8.00 -8.99 20.68
CA ARG B 212 -7.98 -10.41 20.97
C ARG B 212 -7.22 -11.11 19.87
N THR B 213 -6.81 -12.35 20.16
CA THR B 213 -6.25 -13.22 19.14
C THR B 213 -7.37 -13.99 18.45
N ALA B 214 -7.02 -14.71 17.39
CA ALA B 214 -8.01 -15.42 16.58
C ALA B 214 -7.96 -16.92 16.84
N ALA B 215 -9.10 -17.57 16.63
CA ALA B 215 -9.15 -19.01 16.55
C ALA B 215 -8.72 -19.46 15.15
N PRO B 216 -8.07 -20.62 15.04
CA PRO B 216 -7.67 -21.11 13.69
C PRO B 216 -8.81 -21.12 12.68
N GLU B 217 -10.02 -21.52 13.10
CA GLU B 217 -11.15 -21.56 12.19
C GLU B 217 -11.40 -20.19 11.54
N GLU B 218 -11.14 -19.11 12.27
CA GLU B 218 -11.37 -17.77 11.72
C GLU B 218 -10.43 -17.46 10.57
N ILE B 219 -9.19 -17.98 10.60
CA ILE B 219 -8.28 -17.81 9.48
C ILE B 219 -8.70 -18.70 8.32
N ALA B 220 -9.14 -19.92 8.62
CA ALA B 220 -9.53 -20.88 7.58
C ALA B 220 -10.69 -20.36 6.75
N GLN B 221 -11.62 -19.62 7.35
CA GLN B 221 -12.75 -19.11 6.60
C GLN B 221 -12.29 -18.21 5.46
N ALA B 222 -11.23 -17.42 5.70
CA ALA B 222 -10.69 -16.55 4.65
C ALA B 222 -10.04 -17.36 3.53
N VAL B 223 -9.32 -18.42 3.90
CA VAL B 223 -8.76 -19.34 2.92
C VAL B 223 -9.87 -19.93 2.05
N LEU B 224 -10.95 -20.39 2.69
CA LEU B 224 -12.03 -21.05 1.97
C LEU B 224 -12.68 -20.11 0.97
N PHE B 225 -13.02 -18.90 1.40
CA PHE B 225 -13.64 -17.93 0.50
C PHE B 225 -12.78 -17.70 -0.74
N LEU B 226 -11.48 -17.42 -0.55
CA LEU B 226 -10.60 -17.15 -1.69
C LEU B 226 -10.46 -18.37 -2.58
N ALA B 227 -10.53 -19.57 -2.01
CA ALA B 227 -10.41 -20.80 -2.78
C ALA B 227 -11.66 -21.15 -3.57
N SER B 228 -12.81 -20.68 -3.15
CA SER B 228 -14.09 -21.09 -3.69
C SER B 228 -14.45 -20.25 -4.89
N PRO B 229 -15.40 -20.73 -5.72
CA PRO B 229 -15.92 -19.88 -6.81
C PRO B 229 -16.61 -18.61 -6.35
N ARG B 230 -16.91 -18.47 -5.05
CA ARG B 230 -17.43 -17.20 -4.55
C ARG B 230 -16.51 -16.04 -4.89
N ALA B 231 -15.20 -16.27 -4.89
CA ALA B 231 -14.19 -15.25 -5.17
C ALA B 231 -13.76 -15.24 -6.63
N SER B 232 -14.70 -15.46 -7.55
CA SER B 232 -14.39 -15.67 -8.95
C SER B 232 -13.73 -14.45 -9.60
N PHE B 233 -13.86 -13.27 -9.02
CA PHE B 233 -13.26 -12.06 -9.57
C PHE B 233 -12.15 -11.50 -8.71
N VAL B 234 -11.67 -12.27 -7.73
CA VAL B 234 -10.66 -11.82 -6.77
C VAL B 234 -9.34 -12.49 -7.13
N THR B 235 -8.36 -11.70 -7.58
CA THR B 235 -7.04 -12.24 -7.86
C THR B 235 -5.98 -11.16 -7.66
N GLY B 236 -4.78 -11.59 -7.28
CA GLY B 236 -3.65 -10.70 -7.11
C GLY B 236 -3.65 -9.88 -5.84
N SER B 237 -4.49 -10.22 -4.88
CA SER B 237 -4.75 -9.36 -3.73
C SER B 237 -4.31 -10.03 -2.43
N THR B 238 -4.22 -9.22 -1.38
CA THR B 238 -3.97 -9.69 -0.02
C THR B 238 -5.26 -9.53 0.78
N LEU B 239 -5.73 -10.62 1.38
CA LEU B 239 -6.88 -10.58 2.28
C LEU B 239 -6.34 -10.57 3.72
N TYR B 240 -6.50 -9.44 4.40
CA TYR B 240 -5.99 -9.25 5.75
C TYR B 240 -7.01 -9.75 6.77
N VAL B 241 -6.66 -10.80 7.51
CA VAL B 241 -7.50 -11.30 8.58
C VAL B 241 -6.71 -11.22 9.89
N ASP B 242 -6.68 -10.02 10.48
CA ASP B 242 -5.69 -9.75 11.52
C ASP B 242 -6.24 -8.92 12.69
N GLY B 243 -7.55 -8.88 12.89
CA GLY B 243 -8.12 -8.09 13.96
C GLY B 243 -7.86 -6.60 13.85
N GLY B 244 -7.50 -6.12 12.67
CA GLY B 244 -7.22 -4.72 12.46
C GLY B 244 -5.76 -4.33 12.52
N GLY B 245 -4.84 -5.30 12.54
CA GLY B 245 -3.44 -4.98 12.74
C GLY B 245 -2.86 -4.09 11.65
N TYR B 246 -3.15 -4.42 10.39
CA TYR B 246 -2.57 -3.66 9.29
C TYR B 246 -3.03 -2.21 9.29
N ALA B 247 -4.25 -1.95 9.74
CA ALA B 247 -4.82 -0.60 9.71
C ALA B 247 -4.28 0.30 10.81
N VAL B 248 -3.48 -0.23 11.72
CA VAL B 248 -3.07 0.50 12.91
C VAL B 248 -1.55 0.51 13.06
N HIS C 8 25.19 29.04 -5.31
CA HIS C 8 24.50 27.83 -5.75
C HIS C 8 23.01 27.87 -5.40
N MET C 9 22.18 28.08 -6.41
CA MET C 9 20.73 28.24 -6.21
C MET C 9 20.02 27.44 -7.30
N GLU C 10 19.58 26.23 -6.93
CA GLU C 10 19.09 25.27 -7.91
C GLU C 10 17.73 25.65 -8.48
N LEU C 11 16.97 26.50 -7.80
CA LEU C 11 15.66 26.91 -8.29
C LEU C 11 15.69 28.27 -8.97
N GLU C 12 16.87 28.79 -9.27
CA GLU C 12 16.95 30.08 -9.95
C GLU C 12 16.24 30.02 -11.30
N GLY C 13 15.36 31.00 -11.53
CA GLY C 13 14.58 31.06 -12.75
C GLY C 13 13.18 30.53 -12.64
N LEU C 14 12.80 29.97 -11.49
CA LEU C 14 11.49 29.37 -11.28
C LEU C 14 10.67 30.21 -10.31
N THR C 15 9.34 30.11 -10.45
CA THR C 15 8.39 30.78 -9.58
C THR C 15 7.64 29.72 -8.79
N ALA C 16 7.53 29.91 -7.47
CA ALA C 16 6.88 28.95 -6.59
C ALA C 16 5.74 29.61 -5.81
N LEU C 17 4.68 28.84 -5.55
CA LEU C 17 3.54 29.30 -4.77
C LEU C 17 3.25 28.31 -3.66
N VAL C 18 3.31 28.78 -2.41
CA VAL C 18 3.09 27.95 -1.23
C VAL C 18 1.83 28.43 -0.53
N THR C 19 0.81 27.58 -0.49
CA THR C 19 -0.39 27.93 0.26
C THR C 19 -0.20 27.61 1.74
N GLY C 20 -0.81 28.45 2.59
CA GLY C 20 -0.54 28.35 4.01
C GLY C 20 0.91 28.52 4.36
N GLY C 21 1.59 29.46 3.70
CA GLY C 21 3.03 29.61 3.86
C GLY C 21 3.45 30.66 4.87
N THR C 22 2.55 31.03 5.78
CA THR C 22 2.85 32.08 6.75
C THR C 22 3.22 31.55 8.13
N SER C 23 3.16 30.24 8.34
CA SER C 23 3.68 29.63 9.57
C SER C 23 3.91 28.15 9.32
N GLY C 24 4.57 27.51 10.28
CA GLY C 24 4.64 26.05 10.30
C GLY C 24 5.41 25.47 9.13
N ILE C 25 4.94 24.31 8.68
CA ILE C 25 5.60 23.59 7.58
C ILE C 25 5.64 24.46 6.32
N GLY C 26 4.58 25.22 6.06
CA GLY C 26 4.53 26.03 4.85
C GLY C 26 5.58 27.14 4.85
N LEU C 27 5.78 27.78 6.00
CA LEU C 27 6.77 28.85 6.08
C LEU C 27 8.19 28.33 5.86
N GLU C 28 8.49 27.14 6.39
CA GLU C 28 9.82 26.57 6.22
C GLU C 28 10.05 26.09 4.80
N SER C 29 8.99 25.62 4.12
CA SER C 29 9.13 25.23 2.72
C SER C 29 9.40 26.44 1.84
N ALA C 30 8.68 27.54 2.08
CA ALA C 30 8.91 28.76 1.31
C ALA C 30 10.33 29.29 1.53
N ARG C 31 10.80 29.26 2.78
CA ARG C 31 12.14 29.76 3.08
C ARG C 31 13.21 28.92 2.37
N LEU C 32 13.03 27.59 2.33
CA LEU C 32 13.99 26.76 1.63
C LEU C 32 14.00 27.07 0.14
N MET C 33 12.83 27.29 -0.46
CA MET C 33 12.77 27.56 -1.88
C MET C 33 13.30 28.95 -2.21
N ALA C 34 12.95 29.95 -1.40
CA ALA C 34 13.48 31.29 -1.61
C ALA C 34 15.00 31.30 -1.48
N ALA C 35 15.54 30.54 -0.53
CA ALA C 35 17.00 30.45 -0.41
C ALA C 35 17.62 29.78 -1.64
N GLU C 36 16.88 28.89 -2.30
CA GLU C 36 17.38 28.24 -3.51
C GLU C 36 17.18 29.07 -4.77
N GLY C 37 16.71 30.31 -4.64
CA GLY C 37 16.65 31.23 -5.76
C GLY C 37 15.31 31.33 -6.46
N ALA C 38 14.28 30.66 -5.97
CA ALA C 38 12.96 30.78 -6.58
C ALA C 38 12.30 32.09 -6.16
N ASP C 39 11.44 32.60 -7.03
CA ASP C 39 10.55 33.71 -6.68
C ASP C 39 9.32 33.13 -5.99
N VAL C 40 9.19 33.39 -4.69
CA VAL C 40 8.24 32.67 -3.85
C VAL C 40 7.05 33.58 -3.55
N VAL C 41 5.85 33.05 -3.75
CA VAL C 41 4.61 33.67 -3.30
C VAL C 41 4.05 32.80 -2.18
N ILE C 42 3.75 33.43 -1.04
CA ILE C 42 3.13 32.75 0.10
C ILE C 42 1.74 33.33 0.30
N THR C 43 0.80 32.48 0.70
CA THR C 43 -0.58 32.88 0.95
C THR C 43 -0.97 32.55 2.38
N GLY C 44 -1.91 33.34 2.89
CA GLY C 44 -2.48 33.12 4.21
C GLY C 44 -3.75 33.92 4.32
N ARG C 45 -4.43 33.77 5.46
CA ARG C 45 -5.64 34.54 5.71
C ARG C 45 -5.35 35.87 6.39
N ASP C 46 -4.47 35.87 7.41
CA ASP C 46 -4.16 37.09 8.15
C ASP C 46 -3.09 37.88 7.41
N ALA C 47 -3.42 39.11 7.02
CA ALA C 47 -2.51 39.91 6.21
C ALA C 47 -1.30 40.36 7.02
N GLN C 48 -1.49 40.66 8.30
CA GLN C 48 -0.39 41.18 9.12
C GLN C 48 0.70 40.14 9.29
N ARG C 49 0.32 38.91 9.68
CA ARG C 49 1.30 37.84 9.79
C ARG C 49 1.83 37.39 8.44
N GLY C 50 1.07 37.62 7.36
CA GLY C 50 1.58 37.30 6.04
C GLY C 50 2.74 38.20 5.64
N GLU C 51 2.58 39.52 5.83
CA GLU C 51 3.65 40.45 5.47
C GLU C 51 4.88 40.25 6.36
N GLN C 52 4.68 39.93 7.63
CA GLN C 52 5.82 39.63 8.50
C GLN C 52 6.56 38.39 8.03
N ALA C 53 5.82 37.37 7.58
CA ALA C 53 6.46 36.16 7.07
C ALA C 53 7.26 36.45 5.81
N ALA C 54 6.66 37.13 4.85
CA ALA C 54 7.37 37.51 3.62
C ALA C 54 8.63 38.30 3.95
N ALA C 55 8.55 39.20 4.93
CA ALA C 55 9.71 39.99 5.32
C ALA C 55 10.80 39.11 5.91
N ASP C 56 10.42 38.18 6.78
CA ASP C 56 11.42 37.31 7.42
C ASP C 56 12.05 36.37 6.41
N ILE C 57 11.28 35.89 5.43
CA ILE C 57 11.82 35.00 4.40
C ILE C 57 12.88 35.73 3.58
N GLY C 58 12.58 36.94 3.15
CA GLY C 58 13.51 37.69 2.32
C GLY C 58 13.53 37.18 0.88
N HIS C 59 14.60 37.56 0.18
CA HIS C 59 14.85 37.13 -1.19
C HIS C 59 13.73 37.50 -2.15
N GLY C 60 13.07 38.63 -1.89
CA GLY C 60 11.97 39.05 -2.75
C GLY C 60 10.71 38.22 -2.65
N ALA C 61 10.49 37.53 -1.53
CA ALA C 61 9.25 36.80 -1.34
C ALA C 61 8.10 37.77 -1.09
N ARG C 62 6.94 37.48 -1.68
CA ARG C 62 5.76 38.34 -1.54
C ARG C 62 4.56 37.54 -1.04
N PHE C 63 3.64 38.25 -0.40
CA PHE C 63 2.45 37.66 0.22
C PHE C 63 1.21 38.04 -0.59
N VAL C 64 0.28 37.09 -0.69
CA VAL C 64 -1.04 37.32 -1.30
C VAL C 64 -2.09 36.72 -0.37
N GLN C 65 -3.02 37.56 0.09
CA GLN C 65 -4.05 37.08 0.99
C GLN C 65 -5.05 36.20 0.24
N ALA C 66 -5.43 35.08 0.85
CA ALA C 66 -6.40 34.19 0.24
C ALA C 66 -6.98 33.27 1.31
N ASP C 67 -8.25 32.91 1.12
CA ASP C 67 -8.94 31.92 1.94
C ASP C 67 -9.26 30.75 1.03
N LEU C 68 -8.58 29.62 1.25
CA LEU C 68 -8.81 28.43 0.44
C LEU C 68 -10.24 27.94 0.50
N GLY C 69 -10.97 28.26 1.58
CA GLY C 69 -12.36 27.83 1.69
C GLY C 69 -13.34 28.59 0.83
N ASP C 70 -12.95 29.75 0.32
CA ASP C 70 -13.80 30.57 -0.53
C ASP C 70 -13.27 30.49 -1.96
N LEU C 71 -14.11 29.98 -2.87
CA LEU C 71 -13.66 29.74 -4.24
C LEU C 71 -13.41 31.04 -5.00
N ASP C 72 -14.18 32.09 -4.71
CA ASP C 72 -13.86 33.40 -5.29
C ASP C 72 -12.47 33.85 -4.88
N SER C 73 -12.09 33.60 -3.62
CA SER C 73 -10.77 33.99 -3.14
C SER C 73 -9.69 33.15 -3.81
N VAL C 74 -9.98 31.87 -4.08
CA VAL C 74 -9.03 31.01 -4.78
C VAL C 74 -8.82 31.48 -6.21
N ALA C 75 -9.91 31.88 -6.88
CA ALA C 75 -9.79 32.41 -8.24
C ALA C 75 -8.92 33.66 -8.27
N ASP C 76 -9.15 34.59 -7.32
CA ASP C 76 -8.33 35.80 -7.26
C ASP C 76 -6.87 35.48 -6.95
N LEU C 77 -6.62 34.42 -6.19
CA LEU C 77 -5.24 33.99 -5.95
C LEU C 77 -4.59 33.50 -7.24
N ALA C 78 -5.29 32.65 -7.99
CA ALA C 78 -4.76 32.17 -9.25
C ALA C 78 -4.46 33.32 -10.21
N ALA C 79 -5.27 34.37 -10.18
CA ALA C 79 -5.02 35.52 -11.05
C ALA C 79 -3.78 36.28 -10.61
N GLN C 80 -3.58 36.46 -9.31
CA GLN C 80 -2.44 37.24 -8.82
C GLN C 80 -1.12 36.49 -8.97
N ALA C 81 -1.16 35.16 -9.11
CA ALA C 81 0.04 34.36 -9.37
C ALA C 81 -0.25 33.41 -10.53
N PRO C 82 -0.30 33.95 -11.76
CA PRO C 82 -0.76 33.14 -12.89
C PRO C 82 0.20 32.03 -13.33
N ASP C 83 1.46 32.37 -13.58
CA ASP C 83 2.42 31.44 -14.18
C ASP C 83 3.36 30.96 -13.08
N VAL C 84 3.07 29.79 -12.52
CA VAL C 84 3.91 29.21 -11.48
C VAL C 84 4.51 27.91 -11.98
N ASP C 85 5.73 27.62 -11.54
CA ASP C 85 6.42 26.38 -11.87
C ASP C 85 6.35 25.35 -10.74
N ILE C 86 6.20 25.81 -9.50
CA ILE C 86 6.14 24.94 -8.33
C ILE C 86 4.92 25.36 -7.51
N LEU C 87 4.06 24.40 -7.21
CA LEU C 87 2.86 24.63 -6.39
C LEU C 87 2.89 23.68 -5.21
N VAL C 88 2.92 24.24 -4.00
CA VAL C 88 2.90 23.47 -2.77
C VAL C 88 1.54 23.67 -2.13
N ASN C 89 0.73 22.61 -2.07
CA ASN C 89 -0.60 22.66 -1.46
C ASN C 89 -0.47 22.23 -0.01
N ASN C 90 -0.18 23.20 0.85
CA ASN C 90 0.13 22.97 2.25
C ASN C 90 -0.95 23.45 3.21
N ALA C 91 -1.71 24.47 2.81
CA ALA C 91 -2.76 25.01 3.66
C ALA C 91 -3.73 23.91 4.07
N GLY C 92 -4.06 23.86 5.35
CA GLY C 92 -4.98 22.86 5.84
C GLY C 92 -5.23 23.05 7.32
N ILE C 93 -6.32 22.43 7.77
CA ILE C 93 -6.72 22.45 9.17
C ILE C 93 -6.93 21.02 9.64
N TYR C 94 -6.83 20.81 10.96
CA TYR C 94 -6.94 19.46 11.49
C TYR C 94 -7.59 19.37 12.86
N PRO C 95 -8.81 19.86 13.06
CA PRO C 95 -9.47 19.66 14.36
C PRO C 95 -9.94 18.22 14.52
N GLN C 96 -9.94 17.77 15.77
CA GLN C 96 -10.28 16.39 16.11
C GLN C 96 -11.62 16.30 16.81
N ALA C 97 -12.27 15.16 16.63
CA ALA C 97 -13.51 14.79 17.29
C ALA C 97 -13.80 13.35 16.92
N SER C 98 -14.42 12.62 17.85
CA SER C 98 -14.88 11.29 17.52
C SER C 98 -15.98 11.37 16.45
N THR C 99 -16.20 10.25 15.78
CA THR C 99 -17.24 10.20 14.77
C THR C 99 -18.61 10.55 15.36
N PHE C 100 -18.87 10.12 16.60
CA PHE C 100 -20.16 10.41 17.21
C PHE C 100 -20.30 11.88 17.61
N ASP C 101 -19.20 12.54 17.94
CA ASP C 101 -19.23 13.95 18.33
C ASP C 101 -19.06 14.91 17.16
N GLN C 102 -18.75 14.41 15.96
CA GLN C 102 -18.43 15.29 14.85
C GLN C 102 -19.68 16.02 14.35
N ASP C 103 -19.55 17.33 14.16
CA ASP C 103 -20.66 18.17 13.73
C ASP C 103 -20.63 18.36 12.21
N VAL C 104 -21.79 18.74 11.66
CA VAL C 104 -21.93 18.87 10.21
C VAL C 104 -21.16 20.09 9.70
N ALA C 105 -21.25 21.21 10.41
CA ALA C 105 -20.53 22.42 9.99
C ALA C 105 -19.03 22.18 9.92
N GLY C 106 -18.47 21.56 10.96
CA GLY C 106 -17.04 21.27 10.95
C GLY C 106 -16.65 20.28 9.87
N PHE C 107 -17.52 19.32 9.57
CA PHE C 107 -17.26 18.38 8.48
C PHE C 107 -17.12 19.13 7.16
N GLN C 108 -18.06 20.03 6.86
CA GLN C 108 -18.05 20.71 5.58
C GLN C 108 -16.87 21.68 5.46
N GLN C 109 -16.49 22.32 6.57
CA GLN C 109 -15.36 23.25 6.52
C GLN C 109 -14.05 22.51 6.29
N LEU C 110 -13.90 21.33 6.89
CA LEU C 110 -12.67 20.55 6.68
C LEU C 110 -12.52 20.17 5.21
N PHE C 111 -13.61 19.76 4.56
CA PHE C 111 -13.52 19.39 3.15
C PHE C 111 -13.37 20.60 2.24
N ASP C 112 -14.04 21.72 2.57
CA ASP C 112 -13.92 22.93 1.76
C ASP C 112 -12.48 23.43 1.75
N THR C 113 -11.84 23.45 2.92
CA THR C 113 -10.49 24.00 3.06
C THR C 113 -9.43 23.02 2.54
N ASN C 114 -9.48 21.77 3.01
CA ASN C 114 -8.41 20.82 2.72
C ASN C 114 -8.49 20.25 1.30
N VAL C 115 -9.70 20.10 0.74
CA VAL C 115 -9.89 19.41 -0.53
C VAL C 115 -10.33 20.36 -1.64
N ARG C 116 -11.48 21.01 -1.47
CA ARG C 116 -12.09 21.74 -2.56
C ARG C 116 -11.22 22.91 -3.02
N GLY C 117 -10.66 23.66 -2.07
CA GLY C 117 -9.83 24.79 -2.43
C GLY C 117 -8.58 24.38 -3.18
N THR C 118 -7.93 23.31 -2.73
CA THR C 118 -6.75 22.79 -3.42
C THR C 118 -7.11 22.27 -4.80
N TYR C 119 -8.26 21.59 -4.92
CA TYR C 119 -8.66 21.03 -6.21
C TYR C 119 -8.74 22.11 -7.28
N PHE C 120 -9.47 23.18 -7.00
CA PHE C 120 -9.68 24.21 -8.01
C PHE C 120 -8.51 25.16 -8.16
N LEU C 121 -7.62 25.26 -7.16
CA LEU C 121 -6.36 25.96 -7.39
C LEU C 121 -5.48 25.19 -8.37
N VAL C 122 -5.40 23.86 -8.21
CA VAL C 122 -4.65 23.02 -9.13
C VAL C 122 -5.24 23.09 -10.53
N ALA C 123 -6.57 23.01 -10.64
CA ALA C 123 -7.21 23.09 -11.94
C ALA C 123 -6.81 24.33 -12.71
N ALA C 124 -6.50 25.42 -12.00
CA ALA C 124 -6.08 26.66 -12.64
C ALA C 124 -4.56 26.71 -12.84
N ALA C 125 -3.78 26.29 -11.86
CA ALA C 125 -2.33 26.41 -11.97
C ALA C 125 -1.74 25.38 -12.94
N ALA C 126 -2.31 24.18 -12.97
CA ALA C 126 -1.76 23.13 -13.82
C ALA C 126 -2.01 23.38 -15.29
N LYS C 127 -2.99 24.21 -15.62
CA LYS C 127 -3.25 24.53 -17.02
C LYS C 127 -2.04 25.18 -17.67
N GLY C 128 -1.38 26.11 -16.97
CA GLY C 128 -0.19 26.73 -17.51
C GLY C 128 1.02 25.82 -17.51
N MET C 129 1.15 24.97 -16.49
CA MET C 129 2.25 24.01 -16.46
C MET C 129 2.16 23.04 -17.63
N VAL C 130 0.95 22.57 -17.94
CA VAL C 130 0.76 21.68 -19.08
C VAL C 130 1.11 22.38 -20.39
N ALA C 131 0.66 23.63 -20.56
CA ALA C 131 0.95 24.35 -21.81
C ALA C 131 2.45 24.59 -21.98
N ARG C 132 3.16 24.85 -20.88
CA ARG C 132 4.59 25.12 -20.96
C ARG C 132 5.42 23.83 -21.02
N GLY C 133 4.87 22.71 -20.59
CA GLY C 133 5.58 21.45 -20.67
C GLY C 133 6.43 21.09 -19.47
N HIS C 134 6.29 21.81 -18.36
CA HIS C 134 7.07 21.49 -17.16
C HIS C 134 6.37 22.07 -15.93
N GLY C 135 6.61 21.44 -14.79
CA GLY C 135 6.04 21.88 -13.53
C GLY C 135 6.04 20.77 -12.50
N SER C 136 5.93 21.17 -11.24
CA SER C 136 5.95 20.24 -10.12
C SER C 136 4.95 20.67 -9.06
N ILE C 137 4.09 19.74 -8.64
CA ILE C 137 3.05 19.99 -7.65
C ILE C 137 3.28 19.06 -6.46
N VAL C 138 3.31 19.62 -5.26
CA VAL C 138 3.52 18.86 -4.03
C VAL C 138 2.32 19.08 -3.12
N ASN C 139 1.65 17.99 -2.75
CA ASN C 139 0.49 18.03 -1.87
C ASN C 139 0.88 17.52 -0.49
N ILE C 140 0.57 18.28 0.55
CA ILE C 140 0.85 17.87 1.93
C ILE C 140 -0.33 17.04 2.43
N THR C 141 -0.08 15.77 2.73
CA THR C 141 -1.12 14.90 3.29
C THR C 141 -0.89 14.67 4.78
N THR C 142 -1.05 13.43 5.25
CA THR C 142 -0.93 13.17 6.68
C THR C 142 -0.83 11.66 6.94
N LEU C 143 -0.25 11.33 8.10
CA LEU C 143 -0.15 9.94 8.51
C LEU C 143 -1.53 9.35 8.81
N ALA C 144 -2.44 10.14 9.38
CA ALA C 144 -3.77 9.66 9.72
C ALA C 144 -4.60 9.27 8.49
N ALA C 145 -4.12 9.55 7.29
CA ALA C 145 -4.77 9.11 6.06
C ALA C 145 -4.34 7.72 5.64
N HIS C 146 -3.37 7.13 6.35
CA HIS C 146 -2.87 5.80 6.05
C HIS C 146 -2.98 4.83 7.21
N LYS C 147 -3.18 5.33 8.43
CA LYS C 147 -3.43 4.50 9.59
C LYS C 147 -4.62 5.08 10.35
N GLY C 148 -5.31 4.22 11.10
CA GLY C 148 -6.49 4.67 11.81
C GLY C 148 -6.21 5.24 13.19
N PHE C 149 -6.40 6.56 13.34
CA PHE C 149 -6.23 7.21 14.63
C PHE C 149 -7.57 7.70 15.14
N PRO C 150 -8.04 7.23 16.29
CA PRO C 150 -9.31 7.72 16.84
C PRO C 150 -9.31 9.24 16.95
N GLY C 151 -10.43 9.85 16.52
CA GLY C 151 -10.59 11.28 16.58
C GLY C 151 -10.21 12.03 15.32
N THR C 152 -9.64 11.35 14.32
CA THR C 152 -9.18 11.99 13.09
C THR C 152 -9.94 11.50 11.87
N SER C 153 -11.18 11.05 12.03
CA SER C 153 -11.92 10.47 10.92
C SER C 153 -12.01 11.43 9.73
N VAL C 154 -12.52 12.64 9.98
CA VAL C 154 -12.72 13.59 8.88
C VAL C 154 -11.38 14.07 8.32
N TYR C 155 -10.47 14.49 9.20
CA TYR C 155 -9.19 15.03 8.75
C TYR C 155 -8.43 14.03 7.89
N GLY C 156 -8.24 12.81 8.40
CA GLY C 156 -7.59 11.79 7.60
C GLY C 156 -8.31 11.50 6.30
N ALA C 157 -9.64 11.60 6.31
CA ALA C 157 -10.39 11.38 5.07
C ALA C 157 -10.13 12.48 4.05
N THR C 158 -9.97 13.73 4.49
CA THR C 158 -9.68 14.80 3.54
C THR C 158 -8.31 14.60 2.90
N LYS C 159 -7.32 14.16 3.68
CA LYS C 159 -5.98 13.98 3.15
C LYS C 159 -5.86 12.73 2.27
N ALA C 160 -6.66 11.69 2.56
CA ALA C 160 -6.66 10.51 1.70
C ALA C 160 -7.25 10.83 0.34
N ALA C 161 -8.24 11.73 0.29
CA ALA C 161 -8.70 12.23 -1.00
C ALA C 161 -7.56 12.88 -1.76
N LEU C 162 -6.72 13.65 -1.06
CA LEU C 162 -5.59 14.31 -1.70
C LEU C 162 -4.54 13.31 -2.19
N GLU C 163 -4.35 12.20 -1.47
CA GLU C 163 -3.44 11.16 -1.95
C GLU C 163 -3.91 10.58 -3.28
N SER C 164 -5.23 10.38 -3.43
CA SER C 164 -5.76 9.87 -4.68
C SER C 164 -5.60 10.90 -5.79
N LEU C 165 -5.89 12.18 -5.51
CA LEU C 165 -5.71 13.23 -6.51
C LEU C 165 -4.28 13.29 -6.99
N THR C 166 -3.31 13.05 -6.10
CA THR C 166 -1.91 12.98 -6.53
C THR C 166 -1.74 11.94 -7.63
N ARG C 167 -2.36 10.77 -7.48
CA ARG C 167 -2.22 9.71 -8.47
C ARG C 167 -2.93 10.08 -9.78
N THR C 168 -4.18 10.54 -9.69
CA THR C 168 -4.93 10.89 -10.91
C THR C 168 -4.24 12.03 -11.63
N TRP C 169 -3.86 13.07 -10.89
CA TRP C 169 -3.23 14.24 -11.51
C TRP C 169 -1.91 13.88 -12.18
N ALA C 170 -1.13 13.01 -11.54
CA ALA C 170 0.13 12.59 -12.16
C ALA C 170 -0.12 11.84 -13.46
N ALA C 171 -1.21 11.08 -13.54
CA ALA C 171 -1.56 10.42 -14.79
C ALA C 171 -2.09 11.40 -15.83
N GLU C 172 -2.77 12.46 -15.40
CA GLU C 172 -3.37 13.38 -16.36
C GLU C 172 -2.36 14.38 -16.92
N PHE C 173 -1.43 14.84 -16.09
CA PHE C 173 -0.47 15.86 -16.48
C PHE C 173 0.89 15.28 -16.85
N GLY C 174 1.09 13.98 -16.70
CA GLY C 174 2.42 13.41 -16.87
C GLY C 174 2.95 13.50 -18.29
N ALA C 175 2.07 13.30 -19.29
CA ALA C 175 2.54 13.33 -20.67
C ALA C 175 3.07 14.70 -21.07
N ASN C 176 2.69 15.76 -20.36
CA ASN C 176 3.16 17.10 -20.64
C ASN C 176 4.25 17.56 -19.67
N GLY C 177 4.91 16.62 -19.00
CA GLY C 177 6.07 16.91 -18.19
C GLY C 177 5.82 17.35 -16.76
N VAL C 178 4.57 17.37 -16.31
CA VAL C 178 4.22 17.88 -14.98
C VAL C 178 4.24 16.72 -13.98
N ARG C 179 5.01 16.86 -12.91
CA ARG C 179 5.11 15.87 -11.84
C ARG C 179 4.20 16.27 -10.68
N VAL C 180 3.68 15.27 -9.97
CA VAL C 180 2.75 15.45 -8.85
C VAL C 180 3.07 14.42 -7.78
N ASN C 181 3.26 14.86 -6.54
CA ASN C 181 3.61 13.97 -5.45
C ASN C 181 3.01 14.45 -4.13
N SER C 182 2.99 13.56 -3.15
CA SER C 182 2.53 13.84 -1.80
C SER C 182 3.69 13.76 -0.81
N VAL C 183 3.67 14.64 0.18
CA VAL C 183 4.50 14.53 1.38
C VAL C 183 3.57 14.21 2.54
N SER C 184 3.78 13.07 3.19
CA SER C 184 2.93 12.64 4.31
C SER C 184 3.69 12.79 5.61
N PRO C 185 3.50 13.89 6.34
CA PRO C 185 4.28 14.11 7.56
C PRO C 185 3.71 13.38 8.76
N GLY C 186 4.61 13.00 9.68
CA GLY C 186 4.23 12.55 10.99
C GLY C 186 4.03 13.73 11.93
N PRO C 187 4.04 13.48 13.24
CA PRO C 187 3.82 14.57 14.21
C PRO C 187 4.95 15.59 14.17
N THR C 188 4.59 16.85 13.92
CA THR C 188 5.53 17.95 13.75
C THR C 188 5.15 19.08 14.69
N ARG C 189 6.16 19.70 15.30
CA ARG C 189 5.94 20.80 16.24
C ARG C 189 5.72 22.07 15.44
N THR C 190 4.51 22.63 15.50
CA THR C 190 4.20 23.88 14.81
C THR C 190 3.43 24.78 15.78
N PRO C 191 3.20 26.05 15.43
CA PRO C 191 2.35 26.89 16.31
C PRO C 191 1.02 26.24 16.66
N THR C 192 0.41 25.51 15.73
CA THR C 192 -0.93 24.98 15.97
C THR C 192 -0.91 23.69 16.78
N THR C 193 0.04 22.79 16.53
CA THR C 193 0.11 21.59 17.35
C THR C 193 0.58 21.87 18.77
N LEU C 194 1.49 22.85 18.93
CA LEU C 194 1.95 23.20 20.28
C LEU C 194 0.87 23.89 21.10
N GLU C 195 -0.13 24.49 20.45
CA GLU C 195 -1.21 25.17 21.17
C GLU C 195 -2.47 24.34 21.28
N GLN C 196 -2.65 23.34 20.42
CA GLN C 196 -3.90 22.58 20.35
C GLN C 196 -3.73 21.09 20.62
N LEU C 197 -2.66 20.48 20.13
CA LEU C 197 -2.47 19.03 20.20
C LEU C 197 -1.18 18.67 20.92
N GLY C 198 -0.86 19.40 21.99
CA GLY C 198 0.43 19.22 22.66
C GLY C 198 0.66 17.80 23.13
N ASP C 199 -0.33 17.22 23.83
CA ASP C 199 -0.19 15.85 24.30
C ASP C 199 -0.39 14.83 23.19
N PHE C 200 -1.14 15.18 22.14
CA PHE C 200 -1.43 14.23 21.07
C PHE C 200 -0.17 13.86 20.29
N ILE C 201 0.64 14.86 19.93
CA ILE C 201 1.81 14.58 19.09
C ILE C 201 2.86 13.78 19.85
N ASP C 202 2.98 13.98 21.17
CA ASP C 202 3.91 13.18 21.96
C ASP C 202 3.41 11.74 22.11
N ASP C 203 2.10 11.55 22.22
CA ASP C 203 1.55 10.21 22.22
C ASP C 203 1.86 9.48 20.92
N VAL C 204 1.66 10.17 19.79
CA VAL C 204 1.98 9.57 18.49
C VAL C 204 3.48 9.35 18.36
N ALA C 205 4.29 10.27 18.88
CA ALA C 205 5.75 10.12 18.80
C ALA C 205 6.24 8.91 19.59
N ALA C 206 5.54 8.54 20.67
CA ALA C 206 6.00 7.44 21.52
C ALA C 206 6.00 6.11 20.77
N GLY C 207 5.12 5.96 19.78
CA GLY C 207 5.06 4.73 19.00
C GLY C 207 5.73 4.83 17.64
N LEU C 208 6.64 5.84 17.45
CA LEU C 208 7.44 5.96 16.23
C LEU C 208 8.81 5.34 16.46
N PRO C 209 9.34 4.64 15.45
CA PRO C 209 10.71 4.12 15.56
C PRO C 209 11.75 5.17 15.96
N LEU C 210 11.60 6.42 15.54
CA LEU C 210 12.54 7.46 15.97
C LEU C 210 12.21 8.05 17.34
N ARG C 211 11.01 7.81 17.87
CA ARG C 211 10.65 8.21 19.24
C ARG C 211 10.76 9.72 19.48
N ARG C 212 10.31 10.52 18.51
CA ARG C 212 10.36 11.96 18.67
C ARG C 212 9.45 12.62 17.64
N THR C 213 9.13 13.88 17.90
CA THR C 213 8.45 14.74 16.94
C THR C 213 9.48 15.43 16.04
N ALA C 214 8.98 16.08 15.00
CA ALA C 214 9.82 16.69 13.98
C ALA C 214 9.79 18.21 14.12
N ALA C 215 10.89 18.83 13.69
CA ALA C 215 10.85 20.26 13.44
C ALA C 215 10.21 20.51 12.07
N PRO C 216 9.56 21.66 11.88
CA PRO C 216 8.96 21.94 10.57
C PRO C 216 9.95 21.91 9.42
N GLU C 217 11.19 22.33 9.66
CA GLU C 217 12.22 22.30 8.61
C GLU C 217 12.47 20.88 8.12
N GLU C 218 12.35 19.88 9.00
CA GLU C 218 12.58 18.51 8.56
C GLU C 218 11.53 18.05 7.55
N ILE C 219 10.31 18.54 7.69
CA ILE C 219 9.28 18.24 6.69
C ILE C 219 9.57 19.02 5.41
N ALA C 220 10.03 20.27 5.55
CA ALA C 220 10.26 21.11 4.38
C ALA C 220 11.35 20.56 3.46
N GLN C 221 12.34 19.85 4.00
CA GLN C 221 13.38 19.29 3.16
C GLN C 221 12.82 18.32 2.14
N ALA C 222 11.82 17.52 2.55
CA ALA C 222 11.16 16.62 1.62
C ALA C 222 10.39 17.38 0.54
N VAL C 223 9.74 18.49 0.92
CA VAL C 223 9.02 19.30 -0.06
C VAL C 223 9.99 19.88 -1.09
N LEU C 224 11.11 20.44 -0.61
CA LEU C 224 12.11 21.00 -1.51
C LEU C 224 12.59 19.97 -2.52
N PHE C 225 12.92 18.77 -2.05
CA PHE C 225 13.41 17.71 -2.94
C PHE C 225 12.42 17.43 -4.06
N LEU C 226 11.14 17.24 -3.71
CA LEU C 226 10.14 16.91 -4.71
C LEU C 226 9.86 18.08 -5.66
N ALA C 227 10.01 19.32 -5.18
CA ALA C 227 9.80 20.47 -6.04
C ALA C 227 10.94 20.68 -7.01
N SER C 228 12.14 20.17 -6.72
CA SER C 228 13.36 20.53 -7.42
C SER C 228 13.64 19.58 -8.57
N PRO C 229 14.50 19.99 -9.51
CA PRO C 229 14.91 19.06 -10.59
C PRO C 229 15.64 17.81 -10.10
N ARG C 230 16.03 17.74 -8.83
CA ARG C 230 16.63 16.51 -8.32
C ARG C 230 15.66 15.34 -8.43
N ALA C 231 14.35 15.61 -8.26
CA ALA C 231 13.33 14.57 -8.30
C ALA C 231 12.71 14.44 -9.68
N SER C 232 13.51 14.57 -10.74
CA SER C 232 12.99 14.68 -12.10
C SER C 232 12.29 13.40 -12.57
N PHE C 233 12.50 12.26 -11.90
CA PHE C 233 11.83 11.04 -12.28
C PHE C 233 10.80 10.58 -11.25
N VAL C 234 10.48 11.42 -10.27
CA VAL C 234 9.56 11.08 -9.18
C VAL C 234 8.21 11.72 -9.48
N THR C 235 7.17 10.89 -9.64
CA THR C 235 5.83 11.42 -9.82
C THR C 235 4.80 10.37 -9.41
N GLY C 236 3.64 10.86 -8.95
CA GLY C 236 2.55 9.99 -8.55
C GLY C 236 2.76 9.25 -7.24
N SER C 237 3.72 9.67 -6.43
CA SER C 237 4.13 8.90 -5.27
C SER C 237 3.93 9.69 -3.97
N THR C 238 3.99 8.96 -2.86
CA THR C 238 3.98 9.55 -1.52
C THR C 238 5.37 9.41 -0.91
N LEU C 239 5.91 10.53 -0.43
CA LEU C 239 7.13 10.53 0.36
C LEU C 239 6.71 10.64 1.83
N TYR C 240 6.96 9.58 2.60
CA TYR C 240 6.58 9.54 4.01
C TYR C 240 7.74 10.10 4.83
N VAL C 241 7.49 11.23 5.50
CA VAL C 241 8.47 11.80 6.41
C VAL C 241 7.85 11.82 7.81
N ASP C 242 7.96 10.68 8.51
CA ASP C 242 7.14 10.49 9.70
C ASP C 242 7.84 9.71 10.83
N GLY C 243 9.17 9.66 10.84
CA GLY C 243 9.86 8.95 11.90
C GLY C 243 9.57 7.47 11.95
N GLY C 244 8.98 6.91 10.90
CA GLY C 244 8.69 5.50 10.82
C GLY C 244 7.26 5.10 11.13
N GLY C 245 6.35 6.07 11.28
CA GLY C 245 5.00 5.74 11.70
C GLY C 245 4.26 4.83 10.74
N TYR C 246 4.40 5.07 9.43
CA TYR C 246 3.73 4.21 8.46
C TYR C 246 4.31 2.81 8.45
N ALA C 247 5.57 2.65 8.86
CA ALA C 247 6.22 1.35 8.84
C ALA C 247 5.81 0.44 10.00
N VAL C 248 5.30 1.01 11.09
CA VAL C 248 4.95 0.21 12.27
C VAL C 248 3.44 0.18 12.53
N MET D 9 29.48 21.21 1.26
CA MET D 9 29.81 19.80 1.45
C MET D 9 28.98 19.19 2.59
N GLU D 10 27.84 18.60 2.22
CA GLU D 10 26.89 18.11 3.22
C GLU D 10 27.35 16.84 3.91
N LEU D 11 28.12 15.99 3.22
CA LEU D 11 28.50 14.70 3.76
C LEU D 11 29.95 14.66 4.26
N GLU D 12 30.52 15.83 4.56
CA GLU D 12 31.91 15.89 5.03
C GLU D 12 32.06 15.13 6.34
N GLY D 13 33.10 14.30 6.42
CA GLY D 13 33.38 13.51 7.60
C GLY D 13 32.67 12.18 7.67
N LEU D 14 31.85 11.85 6.67
CA LEU D 14 31.07 10.61 6.67
C LEU D 14 31.70 9.61 5.73
N THR D 15 31.68 8.34 6.13
CA THR D 15 32.14 7.24 5.29
C THR D 15 30.92 6.56 4.69
N ALA D 16 30.94 6.36 3.37
CA ALA D 16 29.84 5.70 2.68
C ALA D 16 30.35 4.46 1.94
N LEU D 17 29.60 3.38 2.04
CA LEU D 17 29.87 2.14 1.33
C LEU D 17 28.72 1.86 0.37
N VAL D 18 29.05 1.67 -0.90
CA VAL D 18 28.06 1.39 -1.94
C VAL D 18 28.40 0.03 -2.54
N THR D 19 27.50 -0.93 -2.38
CA THR D 19 27.66 -2.20 -3.08
C THR D 19 27.22 -2.04 -4.53
N GLY D 20 27.89 -2.78 -5.41
CA GLY D 20 27.66 -2.59 -6.83
C GLY D 20 27.93 -1.19 -7.29
N GLY D 21 28.94 -0.53 -6.72
CA GLY D 21 29.24 0.84 -7.02
C GLY D 21 30.14 1.08 -8.21
N THR D 22 30.42 0.05 -9.00
CA THR D 22 31.32 0.16 -10.15
C THR D 22 30.58 0.28 -11.47
N SER D 23 29.26 0.43 -11.44
CA SER D 23 28.47 0.53 -12.67
C SER D 23 27.08 1.05 -12.33
N GLY D 24 26.43 1.63 -13.34
CA GLY D 24 25.00 1.89 -13.30
C GLY D 24 24.58 2.82 -12.17
N ILE D 25 23.47 2.44 -11.52
CA ILE D 25 22.89 3.26 -10.45
C ILE D 25 23.87 3.40 -9.28
N GLY D 26 24.53 2.30 -8.92
CA GLY D 26 25.52 2.37 -7.85
C GLY D 26 26.65 3.35 -8.14
N LEU D 27 27.17 3.33 -9.38
CA LEU D 27 28.25 4.24 -9.73
C LEU D 27 27.84 5.69 -9.58
N GLU D 28 26.64 6.05 -10.05
CA GLU D 28 26.21 7.44 -9.98
C GLU D 28 25.89 7.87 -8.55
N SER D 29 25.38 6.95 -7.72
CA SER D 29 25.16 7.28 -6.30
C SER D 29 26.49 7.57 -5.61
N ALA D 30 27.51 6.75 -5.86
CA ALA D 30 28.82 7.00 -5.27
C ALA D 30 29.41 8.31 -5.75
N ARG D 31 29.21 8.64 -7.03
CA ARG D 31 29.73 9.90 -7.56
C ARG D 31 29.09 11.09 -6.84
N LEU D 32 27.78 11.06 -6.65
CA LEU D 32 27.09 12.15 -5.96
C LEU D 32 27.60 12.31 -4.53
N MET D 33 27.74 11.20 -3.80
CA MET D 33 28.15 11.30 -2.40
C MET D 33 29.60 11.73 -2.27
N ALA D 34 30.48 11.25 -3.17
CA ALA D 34 31.87 11.70 -3.14
C ALA D 34 31.95 13.20 -3.38
N ALA D 35 31.18 13.70 -4.35
CA ALA D 35 31.15 15.13 -4.62
C ALA D 35 30.58 15.93 -3.45
N GLU D 36 29.88 15.28 -2.52
CA GLU D 36 29.37 15.93 -1.33
C GLU D 36 30.34 15.85 -0.14
N GLY D 37 31.59 15.47 -0.38
CA GLY D 37 32.58 15.44 0.67
C GLY D 37 32.72 14.13 1.40
N ALA D 38 31.92 13.11 1.06
CA ALA D 38 31.99 11.84 1.76
C ALA D 38 33.21 11.05 1.31
N ASP D 39 33.73 10.22 2.23
CA ASP D 39 34.75 9.23 1.90
C ASP D 39 34.02 7.98 1.42
N VAL D 40 34.04 7.74 0.11
CA VAL D 40 33.23 6.70 -0.51
C VAL D 40 34.07 5.45 -0.75
N VAL D 41 33.49 4.29 -0.45
CA VAL D 41 34.06 2.99 -0.78
C VAL D 41 33.07 2.27 -1.68
N ILE D 42 33.54 1.85 -2.86
CA ILE D 42 32.71 1.11 -3.81
C ILE D 42 33.18 -0.33 -3.85
N THR D 43 32.24 -1.25 -4.09
CA THR D 43 32.54 -2.67 -4.10
C THR D 43 31.94 -3.32 -5.34
N GLY D 44 32.61 -4.37 -5.80
CA GLY D 44 32.19 -5.13 -6.97
C GLY D 44 33.08 -6.34 -7.10
N ARG D 45 32.70 -7.22 -8.02
CA ARG D 45 33.46 -8.45 -8.23
C ARG D 45 34.63 -8.29 -9.18
N ASP D 46 34.50 -7.41 -10.17
CA ASP D 46 35.52 -7.27 -11.21
C ASP D 46 36.53 -6.21 -10.77
N ALA D 47 37.78 -6.63 -10.57
CA ALA D 47 38.80 -5.73 -10.06
C ALA D 47 39.16 -4.65 -11.09
N GLN D 48 39.18 -5.01 -12.38
CA GLN D 48 39.49 -4.02 -13.41
C GLN D 48 38.41 -2.95 -13.49
N ARG D 49 37.13 -3.36 -13.49
CA ARG D 49 36.05 -2.39 -13.53
C ARG D 49 36.04 -1.53 -12.27
N GLY D 50 36.38 -2.12 -11.12
CA GLY D 50 36.38 -1.36 -9.89
C GLY D 50 37.43 -0.28 -9.87
N GLU D 51 38.65 -0.61 -10.30
CA GLU D 51 39.72 0.38 -10.34
C GLU D 51 39.40 1.49 -11.34
N GLN D 52 38.77 1.13 -12.46
CA GLN D 52 38.37 2.15 -13.44
C GLN D 52 37.24 3.02 -12.89
N ALA D 53 36.34 2.45 -12.09
CA ALA D 53 35.25 3.24 -11.53
C ALA D 53 35.75 4.23 -10.49
N ALA D 54 36.70 3.81 -9.65
CA ALA D 54 37.26 4.72 -8.64
C ALA D 54 37.95 5.90 -9.29
N ALA D 55 38.63 5.68 -10.42
CA ALA D 55 39.28 6.80 -11.11
C ALA D 55 38.26 7.69 -11.79
N ASP D 56 37.19 7.09 -12.36
CA ASP D 56 36.15 7.88 -12.99
C ASP D 56 35.46 8.79 -12.00
N ILE D 57 35.30 8.33 -10.76
CA ILE D 57 34.64 9.13 -9.72
C ILE D 57 35.57 10.21 -9.19
N GLY D 58 36.80 9.83 -8.82
CA GLY D 58 37.71 10.78 -8.20
C GLY D 58 37.41 10.96 -6.72
N HIS D 59 37.79 12.13 -6.20
CA HIS D 59 37.49 12.53 -4.82
C HIS D 59 37.97 11.50 -3.80
N GLY D 60 39.08 10.83 -4.09
CA GLY D 60 39.61 9.84 -3.17
C GLY D 60 38.72 8.63 -2.97
N ALA D 61 37.79 8.37 -3.88
CA ALA D 61 36.99 7.15 -3.82
C ALA D 61 37.87 5.94 -4.04
N ARG D 62 37.69 4.91 -3.22
CA ARG D 62 38.51 3.71 -3.30
C ARG D 62 37.64 2.48 -3.49
N PHE D 63 38.23 1.47 -4.13
CA PHE D 63 37.53 0.25 -4.51
C PHE D 63 37.95 -0.90 -3.60
N VAL D 64 36.99 -1.77 -3.27
CA VAL D 64 37.23 -2.99 -2.52
C VAL D 64 36.53 -4.13 -3.22
N GLN D 65 37.25 -5.21 -3.49
CA GLN D 65 36.69 -6.34 -4.25
C GLN D 65 35.94 -7.26 -3.31
N ALA D 66 34.73 -7.65 -3.70
CA ALA D 66 33.95 -8.61 -2.93
C ALA D 66 32.84 -9.18 -3.80
N ASP D 67 32.36 -10.37 -3.40
CA ASP D 67 31.25 -11.06 -4.04
C ASP D 67 30.17 -11.22 -2.99
N LEU D 68 29.02 -10.54 -3.19
CA LEU D 68 27.95 -10.57 -2.22
C LEU D 68 27.33 -11.96 -2.06
N GLY D 69 27.43 -12.81 -3.08
CA GLY D 69 26.94 -14.17 -3.00
C GLY D 69 27.82 -15.12 -2.20
N ASP D 70 28.90 -14.61 -1.62
CA ASP D 70 29.84 -15.40 -0.83
C ASP D 70 29.94 -14.75 0.54
N LEU D 71 29.53 -15.48 1.58
CA LEU D 71 29.48 -14.88 2.91
C LEU D 71 30.89 -14.63 3.48
N ASP D 72 31.86 -15.47 3.13
CA ASP D 72 33.24 -15.18 3.51
C ASP D 72 33.72 -13.87 2.89
N SER D 73 33.41 -13.67 1.61
CA SER D 73 33.72 -12.39 0.97
C SER D 73 33.03 -11.25 1.68
N VAL D 74 31.75 -11.43 2.03
CA VAL D 74 31.01 -10.39 2.75
C VAL D 74 31.70 -10.04 4.06
N ALA D 75 32.08 -11.06 4.84
CA ALA D 75 32.78 -10.82 6.09
C ALA D 75 34.12 -10.13 5.85
N ASP D 76 34.81 -10.48 4.76
CA ASP D 76 36.07 -9.83 4.43
C ASP D 76 35.87 -8.37 4.03
N LEU D 77 34.73 -8.07 3.38
CA LEU D 77 34.44 -6.70 3.01
C LEU D 77 34.18 -5.84 4.25
N ALA D 78 33.32 -6.32 5.16
CA ALA D 78 33.02 -5.57 6.37
C ALA D 78 34.27 -5.30 7.20
N ALA D 79 35.26 -6.20 7.15
CA ALA D 79 36.49 -5.98 7.87
C ALA D 79 37.31 -4.86 7.26
N GLN D 80 37.29 -4.73 5.92
CA GLN D 80 38.06 -3.69 5.25
C GLN D 80 37.41 -2.32 5.34
N ALA D 81 36.12 -2.25 5.69
CA ALA D 81 35.44 -0.97 5.89
C ALA D 81 34.54 -1.09 7.12
N PRO D 82 35.13 -1.09 8.31
CA PRO D 82 34.36 -1.40 9.53
C PRO D 82 33.44 -0.28 10.00
N ASP D 83 33.85 0.98 9.86
CA ASP D 83 33.12 2.12 10.42
C ASP D 83 32.49 2.90 9.28
N VAL D 84 31.27 2.51 8.90
CA VAL D 84 30.52 3.18 7.83
C VAL D 84 29.34 3.93 8.44
N ASP D 85 29.12 5.15 7.95
CA ASP D 85 27.98 5.96 8.37
C ASP D 85 26.83 5.88 7.39
N ILE D 86 27.10 5.57 6.12
CA ILE D 86 26.10 5.48 5.08
C ILE D 86 26.35 4.18 4.33
N LEU D 87 25.33 3.34 4.24
CA LEU D 87 25.42 2.08 3.51
C LEU D 87 24.31 2.05 2.46
N VAL D 88 24.70 1.89 1.21
CA VAL D 88 23.74 1.80 0.10
C VAL D 88 23.80 0.39 -0.44
N ASN D 89 22.72 -0.37 -0.23
CA ASN D 89 22.64 -1.76 -0.67
C ASN D 89 22.08 -1.79 -2.08
N ASN D 90 22.99 -1.70 -3.05
CA ASN D 90 22.63 -1.53 -4.45
C ASN D 90 22.95 -2.73 -5.31
N ALA D 91 23.94 -3.53 -4.93
CA ALA D 91 24.34 -4.68 -5.73
C ALA D 91 23.19 -5.66 -5.89
N GLY D 92 23.01 -6.14 -7.11
CA GLY D 92 21.93 -7.08 -7.40
C GLY D 92 21.91 -7.45 -8.86
N ILE D 93 21.32 -8.61 -9.13
CA ILE D 93 21.14 -9.11 -10.49
C ILE D 93 19.65 -9.27 -10.75
N TYR D 94 19.28 -9.24 -12.03
CA TYR D 94 17.85 -9.34 -12.35
C TYR D 94 17.55 -10.13 -13.63
N PRO D 95 18.01 -11.37 -13.77
CA PRO D 95 17.67 -12.14 -14.97
C PRO D 95 16.21 -12.56 -14.96
N GLN D 96 15.61 -12.60 -16.15
CA GLN D 96 14.18 -12.81 -16.30
C GLN D 96 13.88 -14.22 -16.80
N ALA D 97 12.77 -14.78 -16.31
CA ALA D 97 12.26 -16.07 -16.74
C ALA D 97 10.86 -16.25 -16.18
N SER D 98 9.98 -16.83 -16.98
CA SER D 98 8.65 -17.18 -16.48
C SER D 98 8.79 -18.26 -15.40
N THR D 99 7.72 -18.41 -14.61
CA THR D 99 7.75 -19.38 -13.52
C THR D 99 7.95 -20.80 -14.03
N PHE D 100 7.36 -21.14 -15.18
CA PHE D 100 7.55 -22.47 -15.75
C PHE D 100 8.96 -22.67 -16.27
N ASP D 101 9.65 -21.59 -16.65
CA ASP D 101 10.99 -21.70 -17.20
C ASP D 101 12.10 -21.60 -16.16
N GLN D 102 11.79 -21.11 -14.95
CA GLN D 102 12.83 -20.74 -13.98
C GLN D 102 13.51 -21.98 -13.42
N ASP D 103 14.84 -21.96 -13.38
CA ASP D 103 15.64 -23.08 -12.89
C ASP D 103 16.00 -22.89 -11.42
N VAL D 104 16.39 -24.01 -10.80
CA VAL D 104 16.70 -24.00 -9.36
C VAL D 104 17.97 -23.20 -9.09
N ALA D 105 19.01 -23.40 -9.90
CA ALA D 105 20.29 -22.76 -9.64
C ALA D 105 20.18 -21.25 -9.75
N GLY D 106 19.47 -20.76 -10.77
CA GLY D 106 19.24 -19.32 -10.89
C GLY D 106 18.41 -18.77 -9.75
N PHE D 107 17.43 -19.54 -9.28
CA PHE D 107 16.66 -19.14 -8.11
C PHE D 107 17.58 -18.91 -6.92
N GLN D 108 18.43 -19.88 -6.62
CA GLN D 108 19.28 -19.76 -5.45
C GLN D 108 20.28 -18.62 -5.58
N GLN D 109 20.84 -18.42 -6.78
CA GLN D 109 21.79 -17.34 -6.98
C GLN D 109 21.12 -15.98 -6.76
N LEU D 110 19.88 -15.83 -7.24
CA LEU D 110 19.19 -14.54 -7.09
C LEU D 110 18.98 -14.20 -5.63
N PHE D 111 18.61 -15.18 -4.81
CA PHE D 111 18.41 -14.91 -3.38
C PHE D 111 19.74 -14.75 -2.66
N ASP D 112 20.75 -15.57 -3.00
CA ASP D 112 22.07 -15.43 -2.40
C ASP D 112 22.62 -14.03 -2.59
N THR D 113 22.54 -13.51 -3.81
CA THR D 113 23.12 -12.20 -4.12
C THR D 113 22.24 -11.06 -3.60
N ASN D 114 20.94 -11.08 -3.92
CA ASN D 114 20.10 -9.92 -3.64
C ASN D 114 19.64 -9.83 -2.19
N VAL D 115 19.54 -10.95 -1.48
CA VAL D 115 18.99 -10.98 -0.13
C VAL D 115 20.04 -11.34 0.91
N ARG D 116 20.61 -12.55 0.82
CA ARG D 116 21.49 -13.04 1.89
C ARG D 116 22.71 -12.16 2.06
N GLY D 117 23.34 -11.75 0.95
CA GLY D 117 24.52 -10.91 1.06
C GLY D 117 24.25 -9.59 1.74
N THR D 118 23.14 -8.94 1.37
CA THR D 118 22.77 -7.66 1.98
C THR D 118 22.40 -7.84 3.45
N TYR D 119 21.70 -8.93 3.79
CA TYR D 119 21.26 -9.12 5.17
C TYR D 119 22.44 -9.16 6.14
N PHE D 120 23.42 -10.01 5.86
CA PHE D 120 24.54 -10.18 6.79
C PHE D 120 25.57 -9.06 6.70
N LEU D 121 25.63 -8.33 5.58
CA LEU D 121 26.41 -7.10 5.57
C LEU D 121 25.77 -6.04 6.46
N VAL D 122 24.45 -5.94 6.42
CA VAL D 122 23.74 -5.02 7.31
C VAL D 122 23.96 -5.40 8.77
N ALA D 123 23.88 -6.70 9.09
CA ALA D 123 24.10 -7.14 10.46
C ALA D 123 25.47 -6.72 10.98
N ALA D 124 26.48 -6.71 10.11
CA ALA D 124 27.83 -6.29 10.51
C ALA D 124 27.93 -4.77 10.61
N ALA D 125 27.57 -4.06 9.53
CA ALA D 125 27.80 -2.63 9.47
C ALA D 125 26.92 -1.86 10.45
N ALA D 126 25.67 -2.31 10.67
CA ALA D 126 24.74 -1.57 11.50
C ALA D 126 25.08 -1.66 12.98
N LYS D 127 25.87 -2.65 13.38
CA LYS D 127 26.30 -2.72 14.77
C LYS D 127 27.08 -1.47 15.17
N GLY D 128 27.99 -1.02 14.29
CA GLY D 128 28.75 0.18 14.58
C GLY D 128 27.90 1.43 14.55
N MET D 129 26.96 1.50 13.62
CA MET D 129 26.07 2.66 13.57
C MET D 129 25.25 2.77 14.84
N VAL D 130 24.71 1.64 15.32
CA VAL D 130 23.89 1.62 16.52
C VAL D 130 24.69 2.08 17.73
N ALA D 131 25.94 1.63 17.84
CA ALA D 131 26.78 2.02 18.96
C ALA D 131 27.19 3.49 18.88
N ARG D 132 27.37 4.01 17.68
CA ARG D 132 27.74 5.42 17.52
C ARG D 132 26.53 6.34 17.62
N GLY D 133 25.32 5.82 17.41
CA GLY D 133 24.13 6.62 17.54
C GLY D 133 23.66 7.34 16.30
N HIS D 134 24.20 7.00 15.12
CA HIS D 134 23.76 7.63 13.89
C HIS D 134 24.14 6.75 12.71
N GLY D 135 23.40 6.92 11.62
CA GLY D 135 23.64 6.16 10.40
C GLY D 135 22.41 6.16 9.52
N SER D 136 22.64 5.91 8.24
CA SER D 136 21.56 5.85 7.26
C SER D 136 21.83 4.69 6.31
N ILE D 137 20.82 3.85 6.11
CA ILE D 137 20.92 2.65 5.29
C ILE D 137 19.87 2.77 4.19
N VAL D 138 20.31 2.65 2.93
CA VAL D 138 19.43 2.77 1.78
C VAL D 138 19.47 1.47 1.01
N ASN D 139 18.31 0.82 0.87
CA ASN D 139 18.19 -0.43 0.13
C ASN D 139 17.57 -0.15 -1.23
N ILE D 140 18.20 -0.67 -2.29
CA ILE D 140 17.67 -0.50 -3.64
C ILE D 140 16.76 -1.67 -3.96
N THR D 141 15.47 -1.38 -4.20
CA THR D 141 14.51 -2.42 -4.55
C THR D 141 14.10 -2.31 -6.01
N THR D 142 12.81 -2.44 -6.31
CA THR D 142 12.38 -2.41 -7.70
C THR D 142 10.86 -2.29 -7.79
N LEU D 143 10.40 -1.76 -8.93
CA LEU D 143 8.96 -1.65 -9.17
C LEU D 143 8.29 -3.02 -9.26
N ALA D 144 9.01 -4.02 -9.78
CA ALA D 144 8.47 -5.37 -9.91
C ALA D 144 8.21 -6.04 -8.56
N ALA D 145 8.65 -5.46 -7.46
CA ALA D 145 8.30 -5.94 -6.13
C ALA D 145 6.97 -5.39 -5.65
N HIS D 146 6.34 -4.52 -6.43
CA HIS D 146 5.08 -3.89 -6.04
C HIS D 146 3.95 -4.11 -7.04
N LYS D 147 4.26 -4.45 -8.28
CA LYS D 147 3.27 -4.79 -9.29
C LYS D 147 3.73 -6.06 -9.98
N GLY D 148 2.77 -6.80 -10.54
CA GLY D 148 3.05 -8.05 -11.20
C GLY D 148 3.51 -7.92 -12.64
N PHE D 149 4.79 -8.17 -12.90
CA PHE D 149 5.34 -8.16 -14.25
C PHE D 149 5.76 -9.57 -14.62
N PRO D 150 5.14 -10.18 -15.65
CA PRO D 150 5.49 -11.56 -16.00
C PRO D 150 6.96 -11.70 -16.36
N GLY D 151 7.58 -12.77 -15.85
CA GLY D 151 8.99 -13.03 -16.08
C GLY D 151 9.92 -12.50 -15.01
N THR D 152 9.41 -11.79 -14.02
CA THR D 152 10.22 -11.21 -12.94
C THR D 152 9.85 -11.79 -11.58
N SER D 153 9.31 -13.01 -11.54
CA SER D 153 8.78 -13.55 -10.28
C SER D 153 9.85 -13.67 -9.21
N VAL D 154 10.99 -14.28 -9.54
CA VAL D 154 12.06 -14.45 -8.55
C VAL D 154 12.68 -13.11 -8.19
N TYR D 155 12.98 -12.29 -9.20
CA TYR D 155 13.59 -10.99 -8.96
C TYR D 155 12.72 -10.11 -8.06
N GLY D 156 11.44 -9.99 -8.40
CA GLY D 156 10.54 -9.19 -7.57
C GLY D 156 10.48 -9.70 -6.14
N ALA D 157 10.50 -11.03 -5.96
CA ALA D 157 10.43 -11.59 -4.63
C ALA D 157 11.65 -11.22 -3.78
N THR D 158 12.85 -11.25 -4.37
CA THR D 158 14.04 -10.86 -3.61
C THR D 158 13.94 -9.41 -3.16
N LYS D 159 13.46 -8.53 -4.03
CA LYS D 159 13.35 -7.13 -3.69
C LYS D 159 12.17 -6.85 -2.76
N ALA D 160 11.12 -7.68 -2.81
CA ALA D 160 10.05 -7.56 -1.81
C ALA D 160 10.56 -7.95 -0.42
N ALA D 161 11.36 -9.01 -0.33
CA ALA D 161 12.00 -9.34 0.93
C ALA D 161 12.83 -8.17 1.45
N LEU D 162 13.50 -7.46 0.55
CA LEU D 162 14.30 -6.31 0.93
C LEU D 162 13.41 -5.18 1.44
N GLU D 163 12.26 -4.97 0.81
CA GLU D 163 11.31 -3.96 1.27
C GLU D 163 10.87 -4.21 2.71
N SER D 164 10.55 -5.47 3.03
CA SER D 164 10.17 -5.81 4.40
C SER D 164 11.34 -5.62 5.36
N LEU D 165 12.55 -5.95 4.91
CA LEU D 165 13.73 -5.77 5.77
C LEU D 165 13.92 -4.30 6.13
N THR D 166 13.62 -3.39 5.20
CA THR D 166 13.66 -1.97 5.52
C THR D 166 12.78 -1.65 6.72
N ARG D 167 11.56 -2.18 6.76
CA ARG D 167 10.66 -1.88 7.88
C ARG D 167 11.17 -2.48 9.18
N THR D 168 11.58 -3.75 9.17
CA THR D 168 12.04 -4.39 10.40
C THR D 168 13.28 -3.69 10.93
N TRP D 169 14.25 -3.41 10.05
CA TRP D 169 15.48 -2.74 10.46
C TRP D 169 15.20 -1.33 10.96
N ALA D 170 14.27 -0.62 10.31
CA ALA D 170 13.92 0.72 10.77
C ALA D 170 13.40 0.70 12.20
N ALA D 171 12.63 -0.33 12.54
CA ALA D 171 12.11 -0.46 13.90
C ALA D 171 13.19 -0.91 14.87
N GLU D 172 14.10 -1.79 14.44
CA GLU D 172 15.11 -2.32 15.35
C GLU D 172 16.20 -1.29 15.63
N PHE D 173 16.58 -0.50 14.62
CA PHE D 173 17.70 0.42 14.76
C PHE D 173 17.27 1.85 15.06
N GLY D 174 15.98 2.18 14.86
CA GLY D 174 15.54 3.55 15.00
C GLY D 174 15.71 4.10 16.40
N ALA D 175 15.61 3.25 17.42
CA ALA D 175 15.78 3.71 18.80
C ALA D 175 17.16 4.32 19.02
N ASN D 176 18.18 3.83 18.30
CA ASN D 176 19.53 4.34 18.41
C ASN D 176 19.88 5.31 17.29
N GLY D 177 18.88 5.90 16.64
CA GLY D 177 19.08 6.99 15.71
C GLY D 177 19.43 6.60 14.28
N VAL D 178 19.43 5.31 13.96
CA VAL D 178 19.80 4.84 12.63
C VAL D 178 18.56 4.73 11.76
N ARG D 179 18.60 5.35 10.57
CA ARG D 179 17.48 5.34 9.64
C ARG D 179 17.70 4.31 8.55
N VAL D 180 16.60 3.75 8.04
CA VAL D 180 16.62 2.73 7.00
C VAL D 180 15.47 3.01 6.03
N ASN D 181 15.78 3.07 4.73
CA ASN D 181 14.78 3.34 3.71
C ASN D 181 15.07 2.54 2.46
N SER D 182 14.06 2.44 1.59
CA SER D 182 14.17 1.78 0.30
C SER D 182 14.00 2.81 -0.82
N VAL D 183 14.72 2.59 -1.92
CA VAL D 183 14.53 3.33 -3.16
C VAL D 183 14.06 2.33 -4.20
N SER D 184 12.85 2.53 -4.73
CA SER D 184 12.29 1.62 -5.71
C SER D 184 12.32 2.26 -7.09
N PRO D 185 13.26 1.90 -7.96
CA PRO D 185 13.37 2.55 -9.26
C PRO D 185 12.50 1.91 -10.33
N GLY D 186 12.14 2.73 -11.33
CA GLY D 186 11.55 2.24 -12.55
C GLY D 186 12.63 1.87 -13.55
N PRO D 187 12.27 1.75 -14.83
CA PRO D 187 13.25 1.35 -15.86
C PRO D 187 14.33 2.42 -16.05
N THR D 188 15.59 2.01 -15.87
CA THR D 188 16.73 2.91 -15.90
C THR D 188 17.75 2.40 -16.91
N ARG D 189 18.37 3.32 -17.65
CA ARG D 189 19.32 2.98 -18.71
C ARG D 189 20.69 2.75 -18.10
N THR D 190 20.96 1.50 -17.73
CA THR D 190 22.29 1.06 -17.34
C THR D 190 22.84 0.11 -18.40
N PRO D 191 24.15 -0.11 -18.45
CA PRO D 191 24.69 -1.01 -19.48
C PRO D 191 24.09 -2.41 -19.46
N THR D 192 23.63 -2.88 -18.30
CA THR D 192 23.03 -4.21 -18.23
C THR D 192 21.64 -4.22 -18.85
N THR D 193 20.79 -3.25 -18.49
CA THR D 193 19.47 -3.17 -19.12
C THR D 193 19.53 -2.82 -20.59
N LEU D 194 20.68 -2.40 -21.11
CA LEU D 194 20.79 -2.15 -22.54
C LEU D 194 21.23 -3.39 -23.31
N GLU D 195 22.19 -4.15 -22.76
CA GLU D 195 22.61 -5.39 -23.40
C GLU D 195 21.47 -6.41 -23.41
N GLN D 196 21.05 -6.87 -22.24
CA GLN D 196 19.83 -7.64 -22.08
C GLN D 196 18.70 -6.69 -21.71
N LEU D 197 17.47 -7.15 -21.90
CA LEU D 197 16.28 -6.37 -21.53
C LEU D 197 16.17 -5.07 -22.32
N GLY D 198 16.71 -5.06 -23.54
CA GLY D 198 16.77 -3.82 -24.30
C GLY D 198 15.40 -3.25 -24.64
N ASP D 199 14.48 -4.11 -25.10
CA ASP D 199 13.14 -3.67 -25.45
C ASP D 199 12.15 -3.76 -24.30
N PHE D 200 12.49 -4.51 -23.24
CA PHE D 200 11.61 -4.60 -22.08
C PHE D 200 11.43 -3.24 -21.41
N ILE D 201 12.54 -2.52 -21.21
CA ILE D 201 12.46 -1.22 -20.56
C ILE D 201 11.70 -0.22 -21.41
N ASP D 202 11.74 -0.37 -22.74
CA ASP D 202 10.94 0.49 -23.61
C ASP D 202 9.46 0.21 -23.43
N ASP D 203 9.06 -1.07 -23.44
CA ASP D 203 7.66 -1.42 -23.23
C ASP D 203 7.17 -0.90 -21.88
N VAL D 204 7.99 -1.06 -20.83
CA VAL D 204 7.61 -0.56 -19.51
C VAL D 204 7.43 0.96 -19.55
N ALA D 205 8.36 1.67 -20.21
CA ALA D 205 8.33 3.12 -20.20
C ALA D 205 7.09 3.67 -20.91
N ALA D 206 6.59 2.94 -21.91
CA ALA D 206 5.40 3.39 -22.63
C ALA D 206 4.15 3.45 -21.75
N GLY D 207 4.12 2.66 -20.67
CA GLY D 207 2.99 2.62 -19.76
C GLY D 207 3.10 3.49 -18.54
N LEU D 208 4.18 4.30 -18.41
CA LEU D 208 4.46 5.23 -17.33
C LEU D 208 3.92 6.62 -17.69
N PRO D 209 3.39 7.35 -16.71
CA PRO D 209 2.94 8.72 -16.98
C PRO D 209 4.00 9.62 -17.61
N LEU D 210 5.28 9.46 -17.24
CA LEU D 210 6.32 10.26 -17.86
C LEU D 210 6.74 9.74 -19.24
N ARG D 211 6.39 8.50 -19.58
CA ARG D 211 6.57 7.94 -20.92
C ARG D 211 8.04 7.89 -21.35
N ARG D 212 8.93 7.59 -20.41
CA ARG D 212 10.35 7.49 -20.73
C ARG D 212 11.07 6.68 -19.66
N THR D 213 12.26 6.22 -20.00
CA THR D 213 13.16 5.62 -19.03
C THR D 213 13.97 6.71 -18.33
N ALA D 214 14.66 6.32 -17.28
CA ALA D 214 15.44 7.23 -16.46
C ALA D 214 16.92 7.06 -16.72
N ALA D 215 17.66 8.16 -16.60
CA ALA D 215 19.11 8.07 -16.53
C ALA D 215 19.52 7.67 -15.11
N PRO D 216 20.62 6.94 -14.96
CA PRO D 216 21.02 6.50 -13.61
C PRO D 216 21.24 7.64 -12.64
N GLU D 217 21.59 8.84 -13.13
CA GLU D 217 21.76 9.98 -12.25
C GLU D 217 20.46 10.35 -11.55
N GLU D 218 19.31 10.12 -12.19
CA GLU D 218 18.04 10.47 -11.57
C GLU D 218 17.70 9.53 -10.41
N ILE D 219 18.08 8.26 -10.49
CA ILE D 219 17.90 7.36 -9.36
C ILE D 219 18.84 7.74 -8.24
N ALA D 220 20.08 8.13 -8.59
CA ALA D 220 21.07 8.47 -7.58
C ALA D 220 20.65 9.65 -6.71
N GLN D 221 19.91 10.61 -7.28
CA GLN D 221 19.47 11.76 -6.49
C GLN D 221 18.58 11.34 -5.32
N ALA D 222 17.71 10.34 -5.53
CA ALA D 222 16.89 9.84 -4.44
C ALA D 222 17.75 9.13 -3.39
N VAL D 223 18.78 8.41 -3.83
CA VAL D 223 19.72 7.78 -2.90
C VAL D 223 20.45 8.85 -2.08
N LEU D 224 20.85 9.94 -2.74
CA LEU D 224 21.56 10.99 -2.03
C LEU D 224 20.68 11.61 -0.96
N PHE D 225 19.42 11.89 -1.30
CA PHE D 225 18.50 12.53 -0.35
C PHE D 225 18.34 11.69 0.91
N LEU D 226 17.95 10.42 0.76
CA LEU D 226 17.70 9.58 1.93
C LEU D 226 18.96 9.34 2.73
N ALA D 227 20.13 9.36 2.09
CA ALA D 227 21.38 9.12 2.80
C ALA D 227 21.85 10.35 3.58
N SER D 228 21.46 11.55 3.15
CA SER D 228 21.98 12.79 3.72
C SER D 228 21.16 13.21 4.92
N PRO D 229 21.70 14.13 5.75
CA PRO D 229 20.91 14.65 6.87
C PRO D 229 19.63 15.39 6.48
N ARG D 230 19.44 15.73 5.20
CA ARG D 230 18.19 16.37 4.80
C ARG D 230 16.98 15.49 5.11
N ALA D 231 17.15 14.17 5.06
CA ALA D 231 16.09 13.20 5.34
C ALA D 231 16.11 12.72 6.79
N SER D 232 16.32 13.61 7.75
CA SER D 232 16.53 13.21 9.14
C SER D 232 15.28 12.62 9.80
N PHE D 233 14.08 12.91 9.30
CA PHE D 233 12.85 12.38 9.87
C PHE D 233 12.23 11.27 9.00
N VAL D 234 12.97 10.77 8.02
CA VAL D 234 12.47 9.76 7.08
C VAL D 234 13.09 8.42 7.44
N THR D 235 12.26 7.45 7.81
CA THR D 235 12.76 6.11 8.08
C THR D 235 11.63 5.10 7.86
N GLY D 236 12.03 3.88 7.47
CA GLY D 236 11.10 2.80 7.23
C GLY D 236 10.26 2.92 5.98
N SER D 237 10.57 3.86 5.10
CA SER D 237 9.69 4.20 3.98
C SER D 237 10.30 3.73 2.66
N THR D 238 9.45 3.76 1.63
CA THR D 238 9.87 3.52 0.25
C THR D 238 9.73 4.82 -0.52
N LEU D 239 10.79 5.20 -1.22
CA LEU D 239 10.76 6.34 -2.14
C LEU D 239 10.69 5.77 -3.55
N TYR D 240 9.59 6.03 -4.25
CA TYR D 240 9.39 5.53 -5.60
C TYR D 240 9.95 6.53 -6.61
N VAL D 241 10.90 6.06 -7.43
CA VAL D 241 11.47 6.87 -8.50
C VAL D 241 11.23 6.11 -9.80
N ASP D 242 10.00 6.23 -10.34
CA ASP D 242 9.59 5.28 -11.38
C ASP D 242 8.74 5.91 -12.48
N GLY D 243 8.80 7.23 -12.64
CA GLY D 243 8.01 7.88 -13.68
C GLY D 243 6.52 7.73 -13.52
N GLY D 244 6.04 7.34 -12.34
CA GLY D 244 4.64 7.10 -12.10
C GLY D 244 4.21 5.64 -12.18
N GLY D 245 5.16 4.71 -12.30
CA GLY D 245 4.79 3.31 -12.49
C GLY D 245 3.91 2.76 -11.38
N TYR D 246 4.22 3.07 -10.13
CA TYR D 246 3.44 2.53 -9.02
C TYR D 246 2.04 3.14 -8.98
N ALA D 247 1.87 4.37 -9.46
CA ALA D 247 0.58 5.05 -9.39
C ALA D 247 -0.40 4.58 -10.46
N VAL D 248 0.06 3.88 -11.49
CA VAL D 248 -0.84 3.40 -12.55
C VAL D 248 -0.92 1.87 -12.59
#